data_2ZX5
#
_entry.id   2ZX5
#
_cell.length_a   180.520
_cell.length_b   180.520
_cell.length_c   169.266
_cell.angle_alpha   90.00
_cell.angle_beta   90.00
_cell.angle_gamma   120.00
#
_symmetry.space_group_name_H-M   'H 3 2'
#
loop_
_entity.id
_entity.type
_entity.pdbx_description
1 polymer 'Alpha-L-fucosidase, putative'
2 non-polymer 3-(1H-indol-3-yl)-N-{[(2R,3R,4R,5R,6S)-3,4,5-trihydroxy-6-methylpiperidin-2-yl]methyl}propanamide
3 water water
#
_entity_poly.entity_id   1
_entity_poly.type   'polypeptide(L)'
_entity_poly.pdbx_seq_one_letter_code
;MISMKPRYKPDWESLREHTVPKWFDKAKFGIFIHWGIYSVPGWATPTGELGKVPMDAWFFQNPYAEWYENSLRIKESPTW
EYHVKTYGENFEYEKFADLFTAEKWDPQEWADLFKKAGAKYVIPTTKHHDGFCLWGTKYTDFNSVKRGPKRDLVGDLAKA
VREAGLRFGVYYSGGLDWRFTTEPIRYPEDLSYIRPNTYEYADYAYKQVMELVDLYLPDVLWNDMGWPEKGKEDLKYLFA
YYYNKHPEGSVNDRWGVPHWDFKTAEYHVNYPGDLPGYKWEFTRGIGLSFGYNRNEGPEHMLSVEQLVYTLVDVVSKGGN
LLLNVGPKGDGTIPDLQKERLLGLGEWLRKYGDAIYGTSVWERCCAKTEDGTEIRFTRKCNRIFVIFLGIPTGEKIVIED
LNLSAGTVRHFLTGERLSFKNVGKNLEITVPKKLLETDSITLVLEAVEEHHHHHH
;
_entity_poly.pdbx_strand_id   A,B
#
loop_
_chem_comp.id
_chem_comp.type
_chem_comp.name
_chem_comp.formula
ZX5 non-polymer 3-(1H-indol-3-yl)-N-{[(2R,3R,4R,5R,6S)-3,4,5-trihydroxy-6-methylpiperidin-2-yl]methyl}propanamide 'C18 H25 N3 O4'
#
# COMPACT_ATOMS: atom_id res chain seq x y z
N ARG A 7 -12.14 13.21 -3.82
CA ARG A 7 -10.94 13.43 -2.95
C ARG A 7 -10.95 12.44 -1.75
N TYR A 8 -10.22 12.67 -0.68
CA TYR A 8 -10.28 11.73 0.45
C TYR A 8 -11.40 12.11 1.43
N LYS A 9 -12.00 11.15 2.11
CA LYS A 9 -13.09 11.51 3.04
C LYS A 9 -12.57 11.34 4.46
N PRO A 10 -13.29 11.89 5.45
CA PRO A 10 -12.84 11.75 6.85
C PRO A 10 -13.23 10.43 7.55
N ASP A 11 -12.57 9.35 7.18
CA ASP A 11 -12.79 8.06 7.83
C ASP A 11 -11.69 7.12 7.37
N TRP A 12 -11.25 6.26 8.27
CA TRP A 12 -10.15 5.31 8.10
C TRP A 12 -10.16 4.54 6.79
N GLU A 13 -11.34 4.11 6.38
CA GLU A 13 -11.56 3.34 5.18
C GLU A 13 -11.13 4.15 3.98
N SER A 14 -11.58 5.39 3.89
CA SER A 14 -11.16 6.16 2.74
C SER A 14 -9.67 6.57 2.79
N LEU A 15 -9.18 6.92 4.01
CA LEU A 15 -7.80 7.33 4.15
C LEU A 15 -6.86 6.18 3.75
N ARG A 16 -7.36 4.95 3.88
CA ARG A 16 -6.60 3.76 3.50
C ARG A 16 -6.08 3.89 2.04
N GLU A 17 -6.85 4.57 1.20
CA GLU A 17 -6.52 4.80 -0.18
C GLU A 17 -5.21 5.51 -0.41
N HIS A 18 -4.80 6.34 0.54
CA HIS A 18 -3.55 7.04 0.44
C HIS A 18 -2.40 6.18 0.81
N THR A 19 -1.42 6.03 -0.06
CA THR A 19 -0.28 5.25 0.38
C THR A 19 0.97 6.08 0.25
N VAL A 20 2.05 5.54 0.82
CA VAL A 20 3.30 6.25 0.78
C VAL A 20 3.64 6.79 -0.61
N PRO A 21 3.85 8.10 -0.65
CA PRO A 21 4.17 8.73 -1.92
C PRO A 21 5.47 8.20 -2.50
N LYS A 22 5.46 8.07 -3.81
CA LYS A 22 6.61 7.55 -4.56
C LYS A 22 7.88 8.31 -4.21
N TRP A 23 7.78 9.62 -4.01
CA TRP A 23 8.97 10.41 -3.71
C TRP A 23 9.61 9.96 -2.40
N PHE A 24 8.76 9.68 -1.42
CA PHE A 24 9.27 9.23 -0.16
C PHE A 24 9.93 7.87 -0.32
N ASP A 25 9.24 6.91 -0.94
CA ASP A 25 9.84 5.60 -1.10
C ASP A 25 11.14 5.61 -1.84
N LYS A 26 11.31 6.55 -2.75
CA LYS A 26 12.51 6.63 -3.54
C LYS A 26 13.63 7.42 -2.90
N ALA A 27 13.30 8.28 -1.94
CA ALA A 27 14.30 9.17 -1.34
C ALA A 27 15.41 8.54 -0.58
N LYS A 28 15.08 7.47 0.17
CA LYS A 28 16.03 6.67 0.92
C LYS A 28 16.73 7.25 2.15
N PHE A 29 16.97 8.57 2.11
CA PHE A 29 17.69 9.25 3.14
C PHE A 29 17.18 10.68 3.36
N GLY A 30 16.96 11.00 4.64
CA GLY A 30 16.53 12.32 5.06
C GLY A 30 17.32 12.76 6.31
N ILE A 31 17.22 14.04 6.63
CA ILE A 31 17.88 14.58 7.79
C ILE A 31 16.84 15.07 8.82
N PHE A 32 16.99 14.54 10.02
CA PHE A 32 16.18 14.90 11.14
C PHE A 32 16.94 16.05 11.87
N ILE A 33 16.24 17.01 12.42
CA ILE A 33 16.93 18.03 13.17
C ILE A 33 16.17 18.26 14.50
N HIS A 34 16.81 17.94 15.62
CA HIS A 34 16.27 18.17 16.92
C HIS A 34 17.00 19.41 17.44
N TRP A 35 16.31 20.54 17.36
CA TRP A 35 16.87 21.82 17.75
C TRP A 35 15.88 22.55 18.62
N GLY A 36 16.29 22.90 19.80
CA GLY A 36 15.34 23.58 20.65
C GLY A 36 16.09 24.32 21.71
N ILE A 37 15.39 24.83 22.72
CA ILE A 37 16.07 25.59 23.73
C ILE A 37 16.93 24.68 24.63
N TYR A 38 16.71 23.36 24.45
CA TYR A 38 17.44 22.31 25.15
C TYR A 38 18.85 22.20 24.54
N SER A 39 19.02 22.77 23.35
CA SER A 39 20.31 22.81 22.66
C SER A 39 21.33 23.75 23.36
N VAL A 40 20.83 24.75 24.11
CA VAL A 40 21.67 25.70 24.85
C VAL A 40 22.39 24.93 25.96
N PRO A 41 21.64 24.25 26.85
CA PRO A 41 22.44 23.53 27.87
C PRO A 41 23.28 22.50 27.15
N GLY A 42 22.70 21.92 26.09
CA GLY A 42 23.34 20.91 25.27
C GLY A 42 24.10 19.89 26.08
N TRP A 43 23.41 19.18 26.96
CA TRP A 43 24.10 18.28 27.87
C TRP A 43 23.41 17.00 28.26
N ALA A 44 24.14 15.91 28.31
CA ALA A 44 23.54 14.65 28.75
C ALA A 44 24.56 13.53 29.08
N THR A 45 24.15 12.61 29.94
CA THR A 45 25.00 11.46 30.20
C THR A 45 24.84 10.51 28.98
N PRO A 46 25.92 10.34 28.19
CA PRO A 46 25.87 9.45 26.99
C PRO A 46 25.90 7.96 27.34
N THR A 47 24.94 7.54 28.16
CA THR A 47 24.76 6.18 28.64
C THR A 47 24.77 5.04 27.62
N GLY A 48 24.13 5.23 26.48
CA GLY A 48 24.05 4.14 25.52
C GLY A 48 22.88 4.26 24.57
N GLU A 49 22.71 3.24 23.75
CA GLU A 49 21.65 3.21 22.76
C GLU A 49 20.29 2.76 23.30
N LEU A 50 19.23 3.42 22.84
CA LEU A 50 17.88 3.04 23.25
C LEU A 50 17.65 1.59 22.77
N GLY A 51 17.16 0.76 23.68
CA GLY A 51 16.90 -0.64 23.40
C GLY A 51 17.98 -1.46 24.06
N LYS A 52 19.06 -0.79 24.49
CA LYS A 52 20.20 -1.47 25.12
C LYS A 52 20.40 -1.02 26.57
N VAL A 53 19.94 0.18 26.89
CA VAL A 53 20.01 0.69 28.26
C VAL A 53 18.73 0.25 28.99
N PRO A 54 18.85 -0.30 30.21
CA PRO A 54 17.67 -0.74 30.96
C PRO A 54 16.72 0.45 31.34
N MET A 55 15.44 0.30 31.05
CA MET A 55 14.45 1.35 31.32
C MET A 55 14.20 1.72 32.78
N ASP A 56 14.89 1.06 33.70
CA ASP A 56 14.72 1.32 35.13
C ASP A 56 15.74 2.38 35.47
N ALA A 57 16.65 2.61 34.55
CA ALA A 57 17.70 3.59 34.77
C ALA A 57 17.62 4.76 33.81
N TRP A 58 17.16 4.43 32.59
CA TRP A 58 17.05 5.33 31.43
C TRP A 58 16.65 6.77 31.65
N PHE A 59 15.55 7.04 32.33
CA PHE A 59 15.14 8.42 32.55
C PHE A 59 16.02 9.12 33.55
N PHE A 60 16.75 8.33 34.35
CA PHE A 60 17.67 8.84 35.39
C PHE A 60 19.10 9.19 34.91
N GLN A 61 19.52 8.58 33.78
CA GLN A 61 20.82 8.80 33.14
C GLN A 61 20.47 8.93 31.64
N ASN A 62 19.53 9.82 31.31
CA ASN A 62 19.09 10.00 29.94
C ASN A 62 20.07 10.52 28.88
N PRO A 63 20.37 9.68 27.87
CA PRO A 63 21.30 10.05 26.77
C PRO A 63 20.65 11.01 25.72
N TYR A 64 19.33 11.22 25.81
CA TYR A 64 18.65 12.14 24.90
C TYR A 64 18.70 13.50 25.53
N ALA A 65 19.65 14.32 25.07
CA ALA A 65 19.85 15.67 25.61
C ALA A 65 18.60 16.53 25.39
N GLU A 66 17.72 16.14 24.51
CA GLU A 66 16.56 16.97 24.34
C GLU A 66 15.59 16.66 25.44
N TRP A 67 15.88 15.69 26.29
CA TRP A 67 14.98 15.39 27.44
C TRP A 67 15.42 16.11 28.69
N TYR A 68 16.31 17.08 28.50
CA TYR A 68 16.91 17.88 29.57
C TYR A 68 15.96 18.34 30.65
N GLU A 69 14.84 18.96 30.26
CA GLU A 69 13.89 19.45 31.24
C GLU A 69 13.31 18.30 32.08
N ASN A 70 13.02 17.18 31.43
CA ASN A 70 12.48 16.05 32.19
C ASN A 70 13.50 15.61 33.21
N SER A 71 14.76 15.51 32.82
CA SER A 71 15.87 15.12 33.73
C SER A 71 16.12 16.16 34.85
N LEU A 72 16.00 17.45 34.49
CA LEU A 72 16.16 18.53 35.42
C LEU A 72 15.09 18.39 36.50
N ARG A 73 13.88 17.94 36.13
CA ARG A 73 12.81 17.78 37.12
C ARG A 73 13.06 16.63 38.09
N ILE A 74 13.92 15.71 37.74
CA ILE A 74 14.25 14.61 38.65
C ILE A 74 15.44 15.06 39.50
N LYS A 75 15.18 15.55 40.71
CA LYS A 75 16.23 16.01 41.59
C LYS A 75 17.31 14.96 41.84
N GLU A 76 18.55 15.42 41.97
CA GLU A 76 19.57 14.42 42.19
C GLU A 76 19.47 13.42 41.01
N SER A 77 20.04 13.85 39.90
CA SER A 77 20.14 13.12 38.65
C SER A 77 21.33 13.88 38.03
N PRO A 78 22.14 13.21 37.22
CA PRO A 78 23.28 13.92 36.63
C PRO A 78 22.91 15.30 36.06
N THR A 79 21.79 15.39 35.34
CA THR A 79 21.34 16.67 34.78
C THR A 79 21.07 17.74 35.86
N TRP A 80 20.41 17.32 36.95
CA TRP A 80 20.11 18.25 38.01
C TRP A 80 21.39 18.78 38.63
N GLU A 81 22.35 17.90 38.91
CA GLU A 81 23.61 18.28 39.50
C GLU A 81 24.25 19.29 38.54
N TYR A 82 24.35 18.90 37.29
CA TYR A 82 24.93 19.75 36.25
C TYR A 82 24.29 21.14 36.08
N HIS A 83 22.98 21.23 36.22
CA HIS A 83 22.30 22.49 36.04
C HIS A 83 22.61 23.52 37.16
N VAL A 84 22.45 23.09 38.40
CA VAL A 84 22.69 23.91 39.57
C VAL A 84 24.12 24.49 39.60
N LYS A 85 25.11 23.70 39.18
CA LYS A 85 26.51 24.16 39.17
C LYS A 85 26.80 25.09 37.97
N THR A 86 26.13 24.85 36.85
CA THR A 86 26.35 25.61 35.61
C THR A 86 25.47 26.86 35.49
N TYR A 87 24.18 26.68 35.79
CA TYR A 87 23.23 27.75 35.67
C TYR A 87 22.69 28.25 36.97
N GLY A 88 22.69 27.37 37.97
CA GLY A 88 22.17 27.72 39.28
C GLY A 88 20.78 27.18 39.58
N GLU A 89 20.47 27.08 40.86
CA GLU A 89 19.20 26.55 41.25
C GLU A 89 18.01 27.43 40.92
N ASN A 90 18.25 28.71 40.71
CA ASN A 90 17.16 29.62 40.45
C ASN A 90 16.96 29.87 39.00
N PHE A 91 17.46 28.97 38.18
CA PHE A 91 17.33 29.17 36.77
C PHE A 91 16.42 28.09 36.17
N GLU A 92 15.20 28.55 35.90
CA GLU A 92 14.14 27.74 35.29
C GLU A 92 14.50 27.33 33.87
N TYR A 93 14.11 26.14 33.49
CA TYR A 93 14.34 25.61 32.19
C TYR A 93 13.85 26.59 31.06
N GLU A 94 12.68 27.15 31.26
CA GLU A 94 12.06 28.07 30.34
C GLU A 94 12.95 29.27 30.04
N LYS A 95 13.84 29.58 30.97
CA LYS A 95 14.74 30.70 30.81
C LYS A 95 15.67 30.51 29.62
N PHE A 96 15.90 29.25 29.28
CA PHE A 96 16.71 28.91 28.12
C PHE A 96 16.16 29.51 26.78
N ALA A 97 14.86 29.72 26.70
CA ALA A 97 14.29 30.37 25.53
C ALA A 97 14.95 31.78 25.27
N ASP A 98 15.48 32.40 26.32
CA ASP A 98 16.11 33.72 26.15
C ASP A 98 17.57 33.55 25.74
N LEU A 99 18.14 32.37 25.98
CA LEU A 99 19.50 32.15 25.59
C LEU A 99 19.56 31.62 24.19
N PHE A 100 18.47 31.01 23.77
CA PHE A 100 18.38 30.40 22.48
C PHE A 100 18.31 31.47 21.43
N THR A 101 19.44 31.95 20.98
CA THR A 101 19.45 33.07 20.05
C THR A 101 19.72 32.84 18.60
N ALA A 102 20.25 31.67 18.24
CA ALA A 102 20.59 31.30 16.87
C ALA A 102 21.36 32.45 16.20
N GLU A 103 22.21 33.13 16.98
CA GLU A 103 22.99 34.25 16.50
C GLU A 103 23.76 33.99 15.20
N LYS A 104 24.32 32.78 15.05
CA LYS A 104 25.09 32.40 13.88
C LYS A 104 24.35 31.49 12.91
N TRP A 105 23.02 31.54 12.89
CA TRP A 105 22.24 30.68 12.00
C TRP A 105 22.06 31.11 10.55
N ASP A 106 22.28 30.15 9.65
CA ASP A 106 22.10 30.40 8.25
C ASP A 106 21.42 29.21 7.59
N PRO A 107 20.08 29.22 7.56
CA PRO A 107 19.42 28.08 6.94
C PRO A 107 19.94 27.66 5.56
N GLN A 108 20.32 28.60 4.69
CA GLN A 108 20.80 28.12 3.38
C GLN A 108 22.05 27.30 3.54
N GLU A 109 22.88 27.72 4.49
CA GLU A 109 24.07 26.97 4.75
C GLU A 109 23.67 25.55 5.21
N TRP A 110 22.61 25.40 6.03
CA TRP A 110 22.17 24.04 6.46
C TRP A 110 21.61 23.24 5.29
N ALA A 111 20.78 23.88 4.49
CA ALA A 111 20.17 23.21 3.38
C ALA A 111 21.25 22.67 2.46
N ASP A 112 22.27 23.45 2.30
CA ASP A 112 23.32 23.03 1.46
C ASP A 112 24.07 21.83 1.94
N LEU A 113 24.39 21.88 3.24
CA LEU A 113 25.13 20.81 3.87
C LEU A 113 24.31 19.55 3.71
N PHE A 114 22.99 19.64 3.93
CA PHE A 114 22.14 18.44 3.84
C PHE A 114 22.10 17.86 2.40
N LYS A 115 22.10 18.75 1.43
CA LYS A 115 22.10 18.36 0.03
C LYS A 115 23.50 17.74 -0.30
N LYS A 116 24.56 18.45 0.05
CA LYS A 116 25.88 17.93 -0.20
C LYS A 116 25.92 16.59 0.49
N ALA A 117 25.24 16.43 1.61
CA ALA A 117 25.29 15.14 2.32
C ALA A 117 24.56 13.99 1.66
N GLY A 118 23.77 14.25 0.63
CA GLY A 118 23.05 13.17 0.01
C GLY A 118 21.62 13.04 0.50
N ALA A 119 21.16 13.91 1.41
CA ALA A 119 19.79 13.84 1.90
C ALA A 119 18.76 14.41 0.91
N LYS A 120 17.61 13.76 0.84
CA LYS A 120 16.55 14.17 -0.05
C LYS A 120 15.37 14.93 0.59
N TYR A 121 15.30 14.94 1.93
CA TYR A 121 14.25 15.66 2.67
C TYR A 121 14.73 15.93 4.11
N VAL A 122 14.22 17.02 4.68
CA VAL A 122 14.60 17.43 6.01
C VAL A 122 13.44 17.56 6.94
N ILE A 123 13.60 17.09 8.17
CA ILE A 123 12.49 17.24 9.10
C ILE A 123 12.88 17.80 10.44
N PRO A 124 12.55 19.05 10.68
CA PRO A 124 12.86 19.70 11.96
C PRO A 124 11.75 19.55 13.04
N THR A 125 12.17 19.59 14.30
CA THR A 125 11.30 19.53 15.43
C THR A 125 10.62 20.90 15.52
N THR A 126 9.32 20.98 15.27
CA THR A 126 8.63 22.27 15.34
C THR A 126 8.26 22.55 16.80
N LYS A 127 8.14 21.48 17.54
CA LYS A 127 7.80 21.49 18.94
C LYS A 127 8.10 20.12 19.50
N HIS A 128 9.08 20.09 20.39
CA HIS A 128 9.43 18.86 21.06
C HIS A 128 8.66 18.73 22.40
N HIS A 129 8.93 17.69 23.18
CA HIS A 129 8.27 17.51 24.47
C HIS A 129 8.22 18.73 25.44
N ASP A 130 9.27 19.56 25.45
CA ASP A 130 9.28 20.73 26.33
C ASP A 130 8.23 21.78 25.96
N GLY A 131 7.61 21.61 24.79
CA GLY A 131 6.55 22.50 24.38
C GLY A 131 6.88 23.80 23.69
N PHE A 132 8.16 24.14 23.58
CA PHE A 132 8.58 25.36 22.92
C PHE A 132 8.46 25.16 21.37
N CYS A 133 7.80 26.11 20.69
CA CYS A 133 7.57 26.05 19.23
C CYS A 133 8.46 26.96 18.39
N LEU A 134 9.05 26.34 17.37
CA LEU A 134 9.98 27.01 16.47
C LEU A 134 9.35 27.76 15.31
N TRP A 135 8.07 28.13 15.47
CA TRP A 135 7.39 28.97 14.46
C TRP A 135 6.50 29.91 15.22
N GLY A 136 6.08 30.98 14.53
CA GLY A 136 5.21 31.92 15.19
C GLY A 136 3.80 31.37 15.38
N THR A 137 3.64 30.24 16.04
CA THR A 137 2.26 29.78 16.25
C THR A 137 1.39 30.86 16.94
N LYS A 138 0.09 30.78 16.73
CA LYS A 138 -0.75 31.77 17.36
C LYS A 138 -1.32 31.21 18.63
N TYR A 139 -1.04 29.93 18.87
CA TYR A 139 -1.60 29.26 20.03
C TYR A 139 -0.82 29.26 21.32
N THR A 140 0.37 29.83 21.27
CA THR A 140 1.19 30.00 22.45
C THR A 140 2.29 31.05 22.24
N ASP A 141 2.67 31.71 23.31
CA ASP A 141 3.74 32.72 23.29
C ASP A 141 5.12 32.13 23.52
N PHE A 142 5.19 30.85 23.87
CA PHE A 142 6.42 30.18 24.15
C PHE A 142 6.89 29.60 22.79
N ASN A 143 7.45 30.45 21.94
CA ASN A 143 7.86 30.07 20.60
C ASN A 143 9.00 31.00 20.15
N SER A 144 9.65 30.60 19.06
CA SER A 144 10.81 31.34 18.62
C SER A 144 10.64 32.75 18.09
N VAL A 145 9.39 33.15 17.85
CA VAL A 145 9.13 34.47 17.28
C VAL A 145 9.11 35.52 18.36
N LYS A 146 8.35 35.24 19.42
CA LYS A 146 8.28 36.11 20.56
C LYS A 146 9.51 35.98 21.46
N ARG A 147 10.26 34.88 21.37
CA ARG A 147 11.43 34.70 22.25
C ARG A 147 12.70 34.32 21.57
N GLY A 148 13.78 34.35 22.32
CA GLY A 148 15.08 33.92 21.80
C GLY A 148 15.44 34.43 20.43
N PRO A 149 15.41 33.60 19.40
CA PRO A 149 15.76 34.07 18.05
C PRO A 149 14.86 35.17 17.44
N LYS A 150 13.65 35.34 17.95
CA LYS A 150 12.74 36.34 17.38
C LYS A 150 12.72 36.11 15.87
N ARG A 151 12.57 34.87 15.46
CA ARG A 151 12.55 34.51 14.07
C ARG A 151 11.78 33.22 13.88
N ASP A 152 11.15 33.05 12.69
CA ASP A 152 10.43 31.82 12.40
C ASP A 152 11.39 30.85 11.76
N LEU A 153 11.97 30.04 12.66
CA LEU A 153 12.92 29.01 12.32
C LEU A 153 12.31 27.99 11.35
N VAL A 154 11.13 27.44 11.69
CA VAL A 154 10.46 26.44 10.87
C VAL A 154 10.28 27.04 9.46
N GLY A 155 9.70 28.24 9.44
CA GLY A 155 9.47 28.88 8.16
C GLY A 155 10.72 29.15 7.33
N ASP A 156 11.71 29.80 7.94
CA ASP A 156 12.92 30.13 7.21
C ASP A 156 13.65 28.87 6.81
N LEU A 157 13.51 27.83 7.59
CA LEU A 157 14.22 26.64 7.19
C LEU A 157 13.51 25.94 6.01
N ALA A 158 12.20 26.12 5.94
CA ALA A 158 11.41 25.51 4.90
C ALA A 158 11.71 26.17 3.54
N LYS A 159 11.99 27.46 3.57
CA LYS A 159 12.28 28.13 2.32
C LYS A 159 13.64 27.63 1.83
N ALA A 160 14.61 27.64 2.74
CA ALA A 160 15.95 27.19 2.43
C ALA A 160 16.03 25.73 1.97
N VAL A 161 15.33 24.84 2.63
CA VAL A 161 15.41 23.44 2.25
C VAL A 161 14.79 23.26 0.89
N ARG A 162 13.67 23.92 0.66
CA ARG A 162 12.98 23.82 -0.61
C ARG A 162 13.78 24.46 -1.74
N GLU A 163 14.48 25.55 -1.46
CA GLU A 163 15.29 26.20 -2.48
C GLU A 163 16.37 25.27 -2.95
N ALA A 164 16.95 24.51 -2.03
CA ALA A 164 17.97 23.51 -2.35
C ALA A 164 17.29 22.36 -3.13
N GLY A 165 15.97 22.44 -3.25
CA GLY A 165 15.25 21.44 -3.99
C GLY A 165 15.00 20.22 -3.19
N LEU A 166 15.10 20.32 -1.87
CA LEU A 166 14.83 19.15 -1.01
C LEU A 166 13.39 19.18 -0.47
N ARG A 167 12.86 18.02 -0.07
CA ARG A 167 11.48 17.91 0.50
C ARG A 167 11.53 18.31 1.98
N PHE A 168 10.51 19.02 2.44
CA PHE A 168 10.42 19.49 3.86
C PHE A 168 9.23 18.88 4.64
N GLY A 169 9.53 18.26 5.77
CA GLY A 169 8.49 17.66 6.59
C GLY A 169 8.59 18.31 7.94
N VAL A 170 7.65 17.97 8.84
CA VAL A 170 7.67 18.52 10.19
C VAL A 170 7.58 17.51 11.29
N TYR A 171 8.31 17.72 12.38
CA TYR A 171 8.20 16.82 13.53
C TYR A 171 7.26 17.56 14.55
N TYR A 172 6.38 16.84 15.23
CA TYR A 172 5.56 17.50 16.20
C TYR A 172 5.34 16.59 17.38
N SER A 173 5.54 17.10 18.59
CA SER A 173 5.32 16.27 19.75
C SER A 173 3.84 16.23 20.15
N GLY A 174 3.02 15.43 19.50
CA GLY A 174 1.62 15.40 19.89
C GLY A 174 1.44 14.69 21.23
N GLY A 175 2.22 13.63 21.47
CA GLY A 175 2.04 12.94 22.73
C GLY A 175 2.50 13.60 24.05
N LEU A 176 3.50 14.45 23.95
CA LEU A 176 4.00 15.06 25.15
C LEU A 176 4.19 16.56 25.00
N ASP A 177 3.95 17.24 26.09
CA ASP A 177 4.11 18.67 26.18
C ASP A 177 4.23 18.96 27.69
N TRP A 178 5.47 19.15 28.14
CA TRP A 178 5.76 19.40 29.56
C TRP A 178 5.27 20.76 30.03
N ARG A 179 4.80 21.56 29.08
CA ARG A 179 4.20 22.82 29.43
C ARG A 179 2.81 22.49 30.05
N PHE A 180 2.36 21.22 29.96
CA PHE A 180 1.08 20.86 30.58
C PHE A 180 1.24 19.91 31.78
N THR A 181 2.47 19.60 32.16
CA THR A 181 2.69 18.68 33.29
C THR A 181 3.68 19.30 34.24
N THR A 182 3.73 18.79 35.47
CA THR A 182 4.71 19.26 36.45
C THR A 182 5.62 18.09 36.86
N GLU A 183 5.08 16.89 36.94
CA GLU A 183 5.84 15.72 37.36
C GLU A 183 6.75 15.18 36.22
N PRO A 184 7.94 14.66 36.58
CA PRO A 184 8.77 14.15 35.50
C PRO A 184 8.45 12.71 35.18
N ILE A 185 8.96 12.25 34.07
CA ILE A 185 8.82 10.87 33.67
C ILE A 185 10.00 10.15 34.39
N ARG A 186 9.69 9.12 35.17
CA ARG A 186 10.70 8.39 35.88
C ARG A 186 10.89 6.98 35.43
N TYR A 187 9.80 6.32 35.05
CA TYR A 187 9.80 4.97 34.51
C TYR A 187 8.88 4.90 33.32
N PRO A 188 9.11 3.94 32.40
CA PRO A 188 8.23 3.86 31.23
C PRO A 188 6.77 3.95 31.66
N GLU A 189 6.41 3.30 32.76
CA GLU A 189 5.03 3.31 33.24
C GLU A 189 4.40 4.69 33.42
N ASP A 190 5.19 5.62 33.94
CA ASP A 190 4.72 6.96 34.19
C ASP A 190 4.04 7.57 32.97
N LEU A 191 4.51 7.17 31.78
CA LEU A 191 3.97 7.65 30.54
C LEU A 191 2.46 7.35 30.32
N SER A 192 1.96 6.32 30.98
CA SER A 192 0.55 5.97 30.85
C SER A 192 -0.37 6.98 31.50
N TYR A 193 0.13 7.77 32.47
CA TYR A 193 -0.72 8.76 33.09
C TYR A 193 -0.17 10.21 33.16
N ILE A 194 1.15 10.39 33.03
CA ILE A 194 1.64 11.75 33.09
C ILE A 194 1.70 12.34 31.65
N ARG A 195 0.51 12.85 31.23
CA ARG A 195 0.26 13.42 29.91
C ARG A 195 -0.66 14.60 30.07
N PRO A 196 -0.79 15.44 29.01
CA PRO A 196 -1.69 16.59 29.17
C PRO A 196 -3.08 16.18 29.66
N ASN A 197 -3.61 15.15 29.02
CA ASN A 197 -4.91 14.65 29.39
C ASN A 197 -6.14 15.48 29.17
N THR A 198 -6.00 16.76 28.95
CA THR A 198 -7.19 17.58 28.78
C THR A 198 -7.75 17.73 27.35
N TYR A 199 -9.02 18.10 27.29
CA TYR A 199 -9.69 18.36 26.01
C TYR A 199 -8.91 19.50 25.41
N GLU A 200 -8.66 20.49 26.24
CA GLU A 200 -7.86 21.66 25.88
C GLU A 200 -6.59 21.23 25.03
N TYR A 201 -5.74 20.39 25.61
CA TYR A 201 -4.54 19.95 24.92
C TYR A 201 -4.83 19.22 23.59
N ALA A 202 -5.87 18.40 23.56
CA ALA A 202 -6.22 17.72 22.32
C ALA A 202 -6.54 18.80 21.20
N ASP A 203 -7.16 19.92 21.61
CA ASP A 203 -7.50 20.98 20.70
C ASP A 203 -6.24 21.73 20.25
N TYR A 204 -5.35 21.95 21.23
CA TYR A 204 -4.10 22.66 21.03
C TYR A 204 -3.32 21.96 19.95
N ALA A 205 -3.18 20.63 20.14
CA ALA A 205 -2.45 19.80 19.21
C ALA A 205 -3.05 19.82 17.80
N TYR A 206 -4.36 19.61 17.70
CA TYR A 206 -5.02 19.60 16.41
C TYR A 206 -4.76 20.96 15.72
N LYS A 207 -5.06 22.02 16.48
CA LYS A 207 -4.91 23.34 15.94
C LYS A 207 -3.48 23.60 15.55
N GLN A 208 -2.52 23.03 16.26
CA GLN A 208 -1.19 23.40 15.85
C GLN A 208 -0.66 22.70 14.65
N VAL A 209 -1.11 21.49 14.43
CA VAL A 209 -0.64 20.75 13.29
C VAL A 209 -1.40 21.30 12.10
N MET A 210 -2.63 21.68 12.33
CA MET A 210 -3.44 22.27 11.27
C MET A 210 -2.69 23.53 10.79
N GLU A 211 -2.26 24.31 11.75
CA GLU A 211 -1.58 25.53 11.47
C GLU A 211 -0.30 25.22 10.71
N LEU A 212 0.41 24.16 11.11
CA LEU A 212 1.63 23.82 10.38
C LEU A 212 1.27 23.47 8.93
N VAL A 213 0.18 22.73 8.76
CA VAL A 213 -0.30 22.36 7.46
C VAL A 213 -0.67 23.62 6.64
N ASP A 214 -1.32 24.57 7.30
CA ASP A 214 -1.71 25.74 6.53
C ASP A 214 -0.56 26.63 6.20
N LEU A 215 0.34 26.87 7.15
CA LEU A 215 1.50 27.75 6.91
C LEU A 215 2.59 27.23 6.01
N TYR A 216 2.84 25.90 6.05
CA TYR A 216 3.96 25.27 5.35
C TYR A 216 3.70 24.03 4.52
N LEU A 217 2.45 23.57 4.50
CA LEU A 217 2.11 22.35 3.76
C LEU A 217 3.31 21.35 3.72
N PRO A 218 3.74 20.85 4.89
CA PRO A 218 4.86 19.89 4.90
C PRO A 218 4.66 18.61 4.08
N ASP A 219 5.77 17.99 3.71
CA ASP A 219 5.79 16.74 2.92
C ASP A 219 5.62 15.52 3.81
N VAL A 220 5.85 15.72 5.10
CA VAL A 220 5.72 14.67 6.08
C VAL A 220 5.15 15.22 7.38
N LEU A 221 4.23 14.49 7.96
CA LEU A 221 3.75 14.89 9.24
C LEU A 221 4.26 13.74 10.07
N TRP A 222 5.31 14.03 10.83
CA TRP A 222 5.98 13.04 11.67
C TRP A 222 5.60 13.36 13.10
N ASN A 223 4.62 12.66 13.64
CA ASN A 223 4.24 12.87 15.04
C ASN A 223 5.09 11.96 16.02
N ASP A 224 5.21 12.40 17.27
CA ASP A 224 5.90 11.57 18.21
C ASP A 224 5.06 11.36 19.45
N MET A 225 5.36 10.24 20.10
CA MET A 225 4.80 9.83 21.36
C MET A 225 3.31 9.66 21.40
N GLY A 226 2.77 9.31 20.26
CA GLY A 226 1.33 9.07 20.19
C GLY A 226 0.51 10.33 20.18
N TRP A 227 -0.77 10.20 19.85
CA TRP A 227 -1.68 11.36 19.81
C TRP A 227 -2.64 11.26 20.98
N PRO A 228 -2.92 12.40 21.63
CA PRO A 228 -3.84 12.42 22.77
C PRO A 228 -5.18 11.71 22.44
N GLU A 229 -5.50 10.70 23.27
CA GLU A 229 -6.69 9.87 23.15
C GLU A 229 -7.98 10.68 22.80
N LYS A 230 -8.26 11.71 23.62
CA LYS A 230 -9.41 12.55 23.40
C LYS A 230 -9.39 13.18 22.01
N GLY A 231 -8.21 13.31 21.38
CA GLY A 231 -8.13 13.90 20.05
C GLY A 231 -7.96 12.88 18.91
N LYS A 232 -7.90 11.59 19.19
CA LYS A 232 -7.68 10.63 18.11
C LYS A 232 -8.62 10.68 16.91
N GLU A 233 -9.91 10.82 17.17
CA GLU A 233 -10.90 10.94 16.08
C GLU A 233 -10.68 12.18 15.20
N ASP A 234 -10.07 13.23 15.73
CA ASP A 234 -9.83 14.40 14.92
C ASP A 234 -8.93 14.10 13.76
N LEU A 235 -8.09 13.09 13.91
CA LEU A 235 -7.12 12.76 12.89
C LEU A 235 -7.70 12.35 11.54
N LYS A 236 -8.92 11.81 11.55
CA LYS A 236 -9.57 11.42 10.33
C LYS A 236 -9.78 12.73 9.54
N TYR A 237 -10.18 13.76 10.25
CA TYR A 237 -10.42 15.02 9.61
C TYR A 237 -9.13 15.67 9.20
N LEU A 238 -8.13 15.65 10.10
CA LEU A 238 -6.84 16.30 9.82
C LEU A 238 -6.12 15.58 8.62
N PHE A 239 -6.13 14.24 8.63
CA PHE A 239 -5.49 13.55 7.52
C PHE A 239 -6.19 13.88 6.20
N ALA A 240 -7.52 13.89 6.19
CA ALA A 240 -8.29 14.18 4.93
C ALA A 240 -7.98 15.59 4.38
N TYR A 241 -7.96 16.53 5.32
CA TYR A 241 -7.66 17.90 5.02
C TYR A 241 -6.25 17.96 4.40
N TYR A 242 -5.30 17.41 5.13
CA TYR A 242 -3.92 17.39 4.70
C TYR A 242 -3.79 16.76 3.30
N TYR A 243 -4.30 15.55 3.14
CA TYR A 243 -4.18 14.85 1.85
C TYR A 243 -4.90 15.54 0.77
N ASN A 244 -5.97 16.25 1.10
CA ASN A 244 -6.66 16.91 0.04
C ASN A 244 -5.90 18.11 -0.40
N LYS A 245 -5.11 18.70 0.49
CA LYS A 245 -4.36 19.87 0.07
C LYS A 245 -3.08 19.40 -0.53
N HIS A 246 -2.53 18.32 0.02
CA HIS A 246 -1.25 17.84 -0.46
C HIS A 246 -1.19 16.34 -0.64
N PRO A 247 -1.80 15.86 -1.73
CA PRO A 247 -1.83 14.41 -1.98
C PRO A 247 -0.50 13.69 -1.81
N GLU A 248 0.60 14.29 -2.28
CA GLU A 248 1.88 13.62 -2.17
C GLU A 248 2.50 13.73 -0.78
N GLY A 249 1.76 14.29 0.17
CA GLY A 249 2.27 14.33 1.54
C GLY A 249 2.23 12.93 2.18
N SER A 250 2.68 12.82 3.44
CA SER A 250 2.75 11.55 4.17
C SER A 250 2.77 11.75 5.67
N VAL A 251 2.32 10.72 6.39
CA VAL A 251 2.27 10.72 7.84
C VAL A 251 2.91 9.43 8.36
N ASN A 252 3.56 9.50 9.54
CA ASN A 252 4.20 8.36 10.14
C ASN A 252 3.25 7.47 10.99
N ASP A 253 3.84 6.56 11.75
CA ASP A 253 3.03 5.62 12.50
C ASP A 253 2.96 5.89 14.01
N ARG A 254 3.17 7.14 14.40
CA ARG A 254 3.17 7.36 15.82
C ARG A 254 1.97 8.16 16.34
N TRP A 255 0.79 7.89 15.80
CA TRP A 255 -0.41 8.62 16.16
C TRP A 255 -1.33 7.81 17.01
N GLY A 256 -1.15 6.48 16.99
CA GLY A 256 -2.02 5.59 17.74
C GLY A 256 -3.40 5.43 17.07
N VAL A 257 -3.48 5.60 15.76
CA VAL A 257 -4.76 5.40 15.10
C VAL A 257 -4.56 4.44 13.92
N PRO A 258 -5.65 3.99 13.30
CA PRO A 258 -5.54 3.07 12.17
C PRO A 258 -4.64 3.49 11.00
N HIS A 259 -4.67 4.74 10.60
CA HIS A 259 -3.90 5.11 9.42
C HIS A 259 -2.45 5.54 9.63
N TRP A 260 -1.62 5.22 8.64
CA TRP A 260 -0.21 5.63 8.63
C TRP A 260 0.36 5.30 7.25
N ASP A 261 1.28 6.12 6.73
CA ASP A 261 1.86 5.82 5.41
C ASP A 261 3.19 5.06 5.54
N PHE A 262 3.86 5.13 6.67
CA PHE A 262 5.13 4.39 6.82
C PHE A 262 5.41 4.21 8.29
N LYS A 263 6.06 3.12 8.64
CA LYS A 263 6.35 2.84 10.03
C LYS A 263 7.71 3.35 10.47
N THR A 264 7.95 3.35 11.78
CA THR A 264 9.25 3.83 12.25
C THR A 264 10.03 2.90 13.20
N ALA A 265 11.35 3.02 13.24
CA ALA A 265 12.17 2.24 14.16
C ALA A 265 13.18 3.24 14.72
N GLU A 266 13.46 3.10 16.01
CA GLU A 266 14.35 4.02 16.74
C GLU A 266 15.49 3.24 17.46
N TYR A 267 16.72 3.50 17.00
CA TYR A 267 17.89 2.77 17.48
C TYR A 267 17.45 1.29 17.42
N HIS A 268 17.57 0.53 18.50
CA HIS A 268 17.16 -0.88 18.49
C HIS A 268 15.70 -1.17 18.39
N VAL A 269 14.90 -0.23 18.86
CA VAL A 269 13.45 -0.31 18.93
C VAL A 269 12.77 -0.44 17.62
N ASN A 270 12.21 -1.64 17.40
CA ASN A 270 11.49 -2.00 16.18
C ASN A 270 12.31 -2.14 14.89
N TYR A 271 13.59 -2.48 15.02
CA TYR A 271 14.44 -2.61 13.85
C TYR A 271 14.25 -4.00 13.19
N PRO A 272 13.82 -4.02 11.93
CA PRO A 272 13.61 -5.29 11.19
C PRO A 272 14.88 -6.12 10.90
N GLY A 273 14.81 -7.43 11.14
CA GLY A 273 15.93 -8.33 10.89
C GLY A 273 16.00 -8.65 9.41
N ASP A 274 14.82 -8.66 8.79
CA ASP A 274 14.72 -8.85 7.34
C ASP A 274 13.63 -7.98 6.69
N LEU A 275 13.26 -8.27 5.45
CA LEU A 275 12.25 -7.49 4.78
C LEU A 275 11.01 -7.58 5.65
N PRO A 276 10.38 -6.42 5.98
CA PRO A 276 9.17 -6.35 6.84
C PRO A 276 7.80 -6.37 6.15
N GLY A 277 7.74 -6.06 4.86
CA GLY A 277 6.47 -6.11 4.18
C GLY A 277 5.76 -4.80 4.04
N TYR A 278 6.32 -3.73 4.62
CA TYR A 278 5.73 -2.38 4.54
C TYR A 278 6.86 -1.37 4.56
N LYS A 279 6.55 -0.18 4.08
CA LYS A 279 7.49 0.92 4.07
C LYS A 279 7.70 1.43 5.53
N TRP A 280 8.96 1.63 5.87
CA TRP A 280 9.38 2.10 7.18
C TRP A 280 10.60 3.02 7.06
N GLU A 281 10.97 3.55 8.20
CA GLU A 281 12.10 4.48 8.28
C GLU A 281 12.76 4.32 9.65
N PHE A 282 14.07 4.30 9.60
CA PHE A 282 14.93 4.16 10.77
C PHE A 282 15.43 5.51 11.18
N THR A 283 15.38 5.80 12.45
CA THR A 283 15.89 7.10 12.89
C THR A 283 16.85 6.84 14.07
N ARG A 284 17.78 7.78 14.25
CA ARG A 284 18.81 7.77 15.30
C ARG A 284 19.70 9.00 15.14
N GLY A 285 20.42 9.32 16.21
CA GLY A 285 21.35 10.42 16.13
C GLY A 285 22.66 9.95 15.47
N ILE A 286 23.58 10.88 15.21
CA ILE A 286 24.86 10.47 14.68
C ILE A 286 25.54 9.88 15.92
N GLY A 287 25.14 10.39 17.08
CA GLY A 287 25.63 9.91 18.35
C GLY A 287 24.47 9.23 19.06
N LEU A 288 24.44 9.31 20.39
CA LEU A 288 23.37 8.68 21.18
C LEU A 288 22.19 9.60 21.51
N SER A 289 22.26 10.85 21.03
CA SER A 289 21.25 11.85 21.34
C SER A 289 20.67 12.41 20.06
N PHE A 290 19.48 13.06 20.17
CA PHE A 290 18.91 13.74 19.02
C PHE A 290 19.31 15.19 19.19
N GLY A 291 19.03 15.74 20.38
CA GLY A 291 19.45 17.09 20.70
C GLY A 291 20.96 17.11 20.89
N TYR A 292 21.60 18.24 20.58
CA TYR A 292 23.06 18.40 20.73
C TYR A 292 23.59 18.07 22.12
N ASN A 293 24.65 17.26 22.18
CA ASN A 293 25.28 16.89 23.46
C ASN A 293 26.79 17.19 23.47
N ARG A 294 27.16 18.23 24.18
CA ARG A 294 28.57 18.59 24.30
C ARG A 294 29.38 17.42 24.92
N ASN A 295 28.74 16.55 25.70
CA ASN A 295 29.46 15.41 26.28
C ASN A 295 29.83 14.32 25.30
N GLU A 296 29.20 14.26 24.16
CA GLU A 296 29.55 13.22 23.20
C GLU A 296 30.79 13.54 22.41
N GLY A 297 31.70 12.58 22.40
CA GLY A 297 32.93 12.71 21.62
C GLY A 297 32.79 11.65 20.54
N PRO A 298 33.80 11.49 19.68
CA PRO A 298 33.68 10.46 18.61
C PRO A 298 33.37 9.04 19.09
N GLU A 299 33.88 8.66 20.27
CA GLU A 299 33.59 7.34 20.85
C GLU A 299 32.09 7.01 20.84
N HIS A 300 31.27 8.05 20.93
CA HIS A 300 29.82 7.85 20.99
C HIS A 300 29.10 7.96 19.66
N MET A 301 29.84 8.28 18.60
CA MET A 301 29.24 8.46 17.29
C MET A 301 29.54 7.38 16.30
N LEU A 302 28.78 7.37 15.21
CA LEU A 302 29.02 6.40 14.17
C LEU A 302 30.16 6.92 13.31
N SER A 303 30.86 6.00 12.67
CA SER A 303 31.92 6.42 11.76
C SER A 303 31.27 6.53 10.38
N VAL A 304 31.92 7.23 9.44
CA VAL A 304 31.37 7.36 8.08
C VAL A 304 31.07 5.94 7.53
N GLU A 305 31.95 4.98 7.82
CA GLU A 305 31.77 3.62 7.34
C GLU A 305 30.52 2.99 7.91
N GLN A 306 30.36 3.13 9.23
CA GLN A 306 29.21 2.58 9.96
C GLN A 306 27.91 3.18 9.46
N LEU A 307 27.95 4.48 9.15
CA LEU A 307 26.81 5.17 8.63
C LEU A 307 26.43 4.59 7.26
N VAL A 308 27.44 4.34 6.44
CA VAL A 308 27.22 3.77 5.12
C VAL A 308 26.58 2.41 5.25
N TYR A 309 27.19 1.56 6.05
CA TYR A 309 26.67 0.24 6.33
C TYR A 309 25.26 0.39 6.85
N THR A 310 25.06 1.34 7.74
CA THR A 310 23.73 1.54 8.28
C THR A 310 22.74 1.76 7.11
N LEU A 311 22.93 2.85 6.36
CA LEU A 311 22.07 3.18 5.25
C LEU A 311 21.86 2.05 4.28
N VAL A 312 22.89 1.28 3.99
CA VAL A 312 22.74 0.17 3.06
C VAL A 312 21.81 -0.86 3.65
N ASP A 313 22.08 -1.27 4.90
CA ASP A 313 21.24 -2.26 5.56
C ASP A 313 19.78 -1.81 5.61
N VAL A 314 19.55 -0.57 6.01
CA VAL A 314 18.18 -0.06 6.04
C VAL A 314 17.51 -0.10 4.65
N VAL A 315 18.23 0.43 3.65
CA VAL A 315 17.73 0.49 2.31
C VAL A 315 17.44 -0.86 1.69
N SER A 316 18.28 -1.85 1.96
CA SER A 316 18.09 -3.22 1.43
C SER A 316 16.87 -3.87 2.06
N LYS A 317 16.37 -3.28 3.11
CA LYS A 317 15.21 -3.83 3.76
C LYS A 317 13.95 -2.95 3.50
N GLY A 318 14.04 -2.09 2.48
CA GLY A 318 12.94 -1.25 2.12
C GLY A 318 12.73 0.02 2.97
N GLY A 319 13.68 0.37 3.84
CA GLY A 319 13.45 1.57 4.61
C GLY A 319 14.20 2.79 4.11
N ASN A 320 13.96 3.89 4.82
CA ASN A 320 14.61 5.17 4.59
C ASN A 320 15.44 5.36 5.86
N LEU A 321 16.51 6.12 5.77
CA LEU A 321 17.33 6.37 6.97
C LEU A 321 17.02 7.81 7.28
N LEU A 322 16.49 8.08 8.49
CA LEU A 322 16.20 9.47 8.89
C LEU A 322 17.24 9.85 9.93
N LEU A 323 18.44 10.22 9.46
CA LEU A 323 19.59 10.57 10.30
C LEU A 323 19.45 11.92 11.02
N ASN A 324 19.61 11.89 12.33
CA ASN A 324 19.46 13.11 13.09
C ASN A 324 20.70 13.98 13.19
N VAL A 325 20.50 15.28 13.11
CA VAL A 325 21.57 16.23 13.30
C VAL A 325 21.08 17.06 14.50
N GLY A 326 21.95 17.28 15.47
CA GLY A 326 21.60 18.07 16.63
C GLY A 326 22.37 19.38 16.71
N PRO A 327 21.84 20.47 16.17
CA PRO A 327 22.48 21.80 16.18
C PRO A 327 22.73 22.43 17.55
N LYS A 328 23.59 23.43 17.59
CA LYS A 328 23.84 24.15 18.85
C LYS A 328 22.92 25.35 18.97
N GLY A 329 22.77 25.83 20.18
CA GLY A 329 21.92 26.97 20.42
C GLY A 329 22.21 28.18 19.56
N ASP A 330 23.41 28.23 19.01
CA ASP A 330 23.80 29.35 18.15
C ASP A 330 23.42 29.11 16.67
N GLY A 331 22.89 27.91 16.41
CA GLY A 331 22.47 27.55 15.06
C GLY A 331 23.53 26.95 14.15
N THR A 332 24.68 26.58 14.74
CA THR A 332 25.77 25.98 13.97
C THR A 332 25.69 24.46 14.14
N ILE A 333 26.29 23.77 13.20
CA ILE A 333 26.31 22.32 13.23
C ILE A 333 27.69 21.85 13.67
N PRO A 334 27.78 21.13 14.81
CA PRO A 334 29.06 20.66 15.32
C PRO A 334 29.93 19.95 14.28
N ASP A 335 31.22 20.33 14.25
CA ASP A 335 32.21 19.76 13.32
C ASP A 335 32.19 18.23 13.21
N LEU A 336 32.04 17.56 14.34
CA LEU A 336 32.01 16.10 14.35
C LEU A 336 30.83 15.59 13.49
N GLN A 337 29.69 16.25 13.65
CA GLN A 337 28.49 15.87 12.92
C GLN A 337 28.64 16.19 11.42
N LYS A 338 29.04 17.42 11.13
CA LYS A 338 29.20 17.86 9.76
C LYS A 338 30.15 16.91 9.01
N GLU A 339 31.30 16.63 9.62
CA GLU A 339 32.27 15.77 8.98
C GLU A 339 31.71 14.38 8.65
N ARG A 340 30.87 13.84 9.53
CA ARG A 340 30.24 12.53 9.25
C ARG A 340 29.21 12.66 8.12
N LEU A 341 28.47 13.76 8.10
CA LEU A 341 27.50 13.95 7.03
C LEU A 341 28.16 13.96 5.66
N LEU A 342 29.27 14.70 5.57
CA LEU A 342 30.01 14.88 4.34
C LEU A 342 30.62 13.59 3.84
N GLY A 343 31.11 12.75 4.76
CA GLY A 343 31.66 11.47 4.39
C GLY A 343 30.59 10.59 3.72
N LEU A 344 29.41 10.62 4.28
CA LEU A 344 28.26 9.89 3.77
C LEU A 344 27.90 10.43 2.35
N GLY A 345 27.96 11.76 2.19
CA GLY A 345 27.65 12.42 0.94
C GLY A 345 28.61 11.98 -0.13
N GLU A 346 29.90 11.84 0.21
CA GLU A 346 30.87 11.37 -0.78
C GLU A 346 30.59 9.91 -1.19
N TRP A 347 30.27 9.05 -0.24
CA TRP A 347 30.01 7.68 -0.67
C TRP A 347 28.77 7.64 -1.58
N LEU A 348 27.76 8.46 -1.24
CA LEU A 348 26.54 8.47 -2.04
C LEU A 348 26.75 9.12 -3.39
N ARG A 349 27.73 10.04 -3.48
CA ARG A 349 27.96 10.68 -4.77
C ARG A 349 28.48 9.60 -5.68
N LYS A 350 29.24 8.70 -5.09
CA LYS A 350 29.84 7.61 -5.80
C LYS A 350 28.91 6.40 -6.03
N TYR A 351 28.12 6.00 -5.03
CA TYR A 351 27.27 4.81 -5.22
C TYR A 351 25.75 5.06 -5.20
N GLY A 352 25.37 6.34 -5.26
CA GLY A 352 23.96 6.71 -5.24
C GLY A 352 23.05 5.85 -6.08
N ASP A 353 23.51 5.45 -7.24
CA ASP A 353 22.71 4.63 -8.12
C ASP A 353 22.25 3.32 -7.56
N ALA A 354 23.05 2.73 -6.66
CA ALA A 354 22.66 1.49 -6.04
C ALA A 354 21.77 1.74 -4.78
N ILE A 355 21.47 3.01 -4.48
CA ILE A 355 20.64 3.33 -3.33
C ILE A 355 19.32 4.01 -3.68
N TYR A 356 19.40 5.20 -4.26
CA TYR A 356 18.23 6.00 -4.66
C TYR A 356 17.33 5.31 -5.64
N GLY A 357 16.02 5.51 -5.48
CA GLY A 357 15.07 4.94 -6.41
C GLY A 357 15.13 3.43 -6.55
N THR A 358 15.76 2.75 -5.59
CA THR A 358 15.79 1.30 -5.66
C THR A 358 14.56 0.67 -4.96
N SER A 359 14.48 -0.66 -5.06
CA SER A 359 13.41 -1.46 -4.46
C SER A 359 14.07 -2.63 -3.79
N VAL A 360 13.35 -3.31 -2.92
CA VAL A 360 13.93 -4.48 -2.33
C VAL A 360 13.98 -5.56 -3.41
N TRP A 361 14.79 -6.58 -3.12
CA TRP A 361 14.97 -7.70 -4.02
C TRP A 361 14.32 -8.91 -3.31
N GLU A 362 14.64 -10.11 -3.77
CA GLU A 362 14.13 -11.35 -3.19
C GLU A 362 14.49 -11.46 -1.73
N ARG A 363 15.66 -10.93 -1.40
CA ARG A 363 16.18 -10.99 -0.04
C ARG A 363 17.14 -9.82 0.14
N CYS A 364 17.30 -9.42 1.38
CA CYS A 364 18.15 -8.30 1.76
C CYS A 364 19.60 -8.67 2.02
N CYS A 365 19.82 -9.92 2.39
CA CYS A 365 21.11 -10.23 2.91
C CYS A 365 21.84 -11.48 2.49
N ALA A 366 23.14 -11.46 2.70
CA ALA A 366 23.98 -12.58 2.35
C ALA A 366 25.36 -12.34 2.97
N LYS A 367 26.21 -13.35 3.01
CA LYS A 367 27.55 -13.14 3.56
C LYS A 367 28.61 -13.94 2.81
N THR A 368 29.87 -13.47 2.88
CA THR A 368 30.94 -14.21 2.22
C THR A 368 31.49 -15.37 3.05
N GLU A 369 32.12 -16.32 2.36
CA GLU A 369 32.70 -17.49 3.01
C GLU A 369 33.46 -17.07 4.23
N ASP A 370 34.13 -15.94 4.13
CA ASP A 370 34.92 -15.45 5.24
C ASP A 370 34.17 -14.44 6.10
N GLY A 371 32.84 -14.36 5.91
CA GLY A 371 32.01 -13.49 6.76
C GLY A 371 31.77 -12.00 6.53
N THR A 372 32.00 -11.51 5.32
CA THR A 372 31.72 -10.12 5.02
C THR A 372 30.21 -10.11 4.76
N GLU A 373 29.51 -9.16 5.37
CA GLU A 373 28.08 -9.08 5.19
C GLU A 373 27.80 -8.42 3.84
N ILE A 374 26.79 -8.95 3.15
CA ILE A 374 26.39 -8.46 1.83
C ILE A 374 24.94 -8.04 1.84
N ARG A 375 24.65 -6.92 1.20
CA ARG A 375 23.28 -6.41 1.09
C ARG A 375 22.83 -6.23 -0.39
N PHE A 376 21.55 -6.47 -0.67
CA PHE A 376 21.00 -6.33 -2.03
C PHE A 376 19.94 -5.24 -2.28
N THR A 377 19.95 -4.66 -3.47
CA THR A 377 18.95 -3.68 -3.89
C THR A 377 18.74 -3.94 -5.36
N ARG A 378 17.68 -3.36 -5.93
CA ARG A 378 17.37 -3.55 -7.34
C ARG A 378 16.72 -2.35 -8.02
N LYS A 379 16.90 -2.31 -9.34
CA LYS A 379 16.30 -1.30 -10.22
C LYS A 379 15.97 -2.07 -11.50
N CYS A 380 14.69 -2.34 -11.69
CA CYS A 380 14.22 -3.14 -12.81
C CYS A 380 15.00 -4.42 -12.85
N ASN A 381 15.72 -4.64 -13.94
CA ASN A 381 16.54 -5.85 -14.10
C ASN A 381 17.90 -5.73 -13.40
N ARG A 382 18.31 -4.53 -13.01
CA ARG A 382 19.61 -4.38 -12.34
C ARG A 382 19.58 -4.77 -10.82
N ILE A 383 20.48 -5.67 -10.43
CA ILE A 383 20.58 -6.09 -9.04
C ILE A 383 21.89 -5.65 -8.45
N PHE A 384 21.82 -4.76 -7.48
CA PHE A 384 23.05 -4.27 -6.87
C PHE A 384 23.48 -5.18 -5.75
N VAL A 385 24.78 -5.49 -5.72
CA VAL A 385 25.35 -6.36 -4.69
C VAL A 385 26.35 -5.52 -3.90
N ILE A 386 25.98 -5.15 -2.67
CA ILE A 386 26.78 -4.31 -1.79
C ILE A 386 27.42 -5.06 -0.63
N PHE A 387 28.74 -4.99 -0.60
CA PHE A 387 29.57 -5.62 0.41
C PHE A 387 29.84 -4.55 1.46
N LEU A 388 29.58 -4.86 2.73
CA LEU A 388 29.81 -3.88 3.77
C LEU A 388 31.31 -4.02 4.03
N GLY A 389 32.08 -3.36 3.17
CA GLY A 389 33.51 -3.46 3.29
C GLY A 389 34.06 -3.99 1.99
N ILE A 390 35.38 -3.93 1.83
CA ILE A 390 36.00 -4.41 0.60
C ILE A 390 36.92 -5.59 0.83
N PRO A 391 36.56 -6.74 0.29
CA PRO A 391 37.34 -7.97 0.41
C PRO A 391 38.80 -7.77 -0.02
N THR A 392 39.72 -8.40 0.71
CA THR A 392 41.15 -8.33 0.45
C THR A 392 41.64 -9.12 -0.76
N GLY A 393 41.06 -10.27 -1.00
CA GLY A 393 41.50 -11.07 -2.14
C GLY A 393 40.55 -11.05 -3.30
N GLU A 394 40.99 -11.57 -4.44
CA GLU A 394 40.15 -11.55 -5.63
C GLU A 394 39.11 -12.64 -5.79
N LYS A 395 39.25 -13.73 -5.06
CA LYS A 395 38.25 -14.78 -5.18
C LYS A 395 37.23 -14.55 -4.10
N ILE A 396 36.00 -14.36 -4.49
CA ILE A 396 35.01 -14.11 -3.48
C ILE A 396 33.94 -15.18 -3.45
N VAL A 397 33.60 -15.63 -2.25
CA VAL A 397 32.57 -16.65 -2.19
C VAL A 397 31.34 -16.22 -1.37
N ILE A 398 30.23 -16.06 -2.07
CA ILE A 398 28.98 -15.68 -1.44
C ILE A 398 28.24 -16.95 -1.04
N GLU A 399 28.13 -17.16 0.26
CA GLU A 399 27.47 -18.35 0.77
C GLU A 399 25.97 -18.30 0.54
N ASP A 400 25.43 -19.34 -0.10
CA ASP A 400 23.99 -19.45 -0.35
C ASP A 400 23.40 -18.47 -1.30
N LEU A 401 23.93 -18.44 -2.52
CA LEU A 401 23.38 -17.54 -3.49
C LEU A 401 23.71 -18.03 -4.86
N ASN A 402 22.70 -18.28 -5.69
CA ASN A 402 22.96 -18.71 -7.06
C ASN A 402 22.41 -17.58 -7.92
N LEU A 403 23.01 -17.35 -9.09
CA LEU A 403 22.57 -16.27 -10.00
C LEU A 403 22.26 -16.79 -11.37
N SER A 404 21.26 -16.19 -12.00
CA SER A 404 20.85 -16.61 -13.33
C SER A 404 21.29 -15.61 -14.40
N ALA A 405 21.41 -14.36 -13.97
CA ALA A 405 21.78 -13.20 -14.82
C ALA A 405 22.85 -13.37 -15.92
N GLY A 406 23.73 -14.34 -15.81
CA GLY A 406 24.73 -14.50 -16.85
C GLY A 406 25.74 -13.37 -16.90
N THR A 407 25.34 -12.11 -16.63
CA THR A 407 26.31 -11.02 -16.63
C THR A 407 26.40 -10.26 -15.29
N VAL A 408 27.59 -10.25 -14.68
CA VAL A 408 27.83 -9.58 -13.41
C VAL A 408 28.99 -8.59 -13.54
N ARG A 409 28.69 -7.29 -13.54
CA ARG A 409 29.72 -6.27 -13.70
C ARG A 409 30.24 -5.67 -12.41
N HIS A 410 31.34 -4.95 -12.52
CA HIS A 410 31.89 -4.25 -11.36
C HIS A 410 31.22 -2.89 -11.51
N PHE A 411 30.39 -2.55 -10.52
CA PHE A 411 29.62 -1.33 -10.54
C PHE A 411 30.35 -0.02 -10.87
N LEU A 412 31.39 0.29 -10.14
CA LEU A 412 32.09 1.51 -10.39
C LEU A 412 32.58 1.63 -11.84
N THR A 413 33.30 0.61 -12.30
CA THR A 413 33.91 0.59 -13.63
C THR A 413 33.04 0.05 -14.76
N GLY A 414 32.14 -0.85 -14.46
CA GLY A 414 31.34 -1.42 -15.51
C GLY A 414 31.96 -2.73 -15.94
N GLU A 415 33.24 -2.92 -15.61
CA GLU A 415 33.92 -4.16 -15.98
C GLU A 415 33.16 -5.44 -15.70
N ARG A 416 33.05 -6.25 -16.75
CA ARG A 416 32.37 -7.51 -16.70
C ARG A 416 33.29 -8.44 -15.92
N LEU A 417 32.72 -9.27 -15.06
CA LEU A 417 33.55 -10.12 -14.25
C LEU A 417 33.24 -11.58 -14.48
N SER A 418 34.18 -12.43 -14.06
CA SER A 418 34.04 -13.85 -14.22
C SER A 418 33.38 -14.45 -12.99
N PHE A 419 32.35 -15.25 -13.21
CA PHE A 419 31.64 -15.90 -12.11
C PHE A 419 30.94 -17.18 -12.57
N LYS A 420 30.58 -18.00 -11.58
CA LYS A 420 29.86 -19.23 -11.82
C LYS A 420 29.28 -19.69 -10.49
N ASN A 421 28.07 -20.23 -10.57
CA ASN A 421 27.36 -20.75 -9.42
C ASN A 421 28.00 -22.08 -9.07
N VAL A 422 28.59 -22.14 -7.90
CA VAL A 422 29.23 -23.35 -7.46
C VAL A 422 28.42 -23.89 -6.29
N GLY A 423 27.68 -24.97 -6.55
CA GLY A 423 26.89 -25.54 -5.49
C GLY A 423 25.80 -24.59 -5.05
N LYS A 424 25.74 -24.35 -3.73
CA LYS A 424 24.74 -23.47 -3.21
C LYS A 424 25.30 -22.06 -2.98
N ASN A 425 26.52 -21.84 -3.44
CA ASN A 425 27.15 -20.54 -3.31
C ASN A 425 27.38 -19.99 -4.69
N LEU A 426 27.90 -18.77 -4.73
CA LEU A 426 28.25 -18.11 -5.98
C LEU A 426 29.69 -17.66 -5.85
N GLU A 427 30.49 -17.97 -6.85
CA GLU A 427 31.90 -17.60 -6.82
C GLU A 427 32.15 -16.54 -7.90
N ILE A 428 32.97 -15.54 -7.57
CA ILE A 428 33.27 -14.44 -8.48
C ILE A 428 34.68 -13.90 -8.27
N THR A 429 35.32 -13.52 -9.38
CA THR A 429 36.67 -12.99 -9.37
C THR A 429 36.69 -11.49 -9.57
N VAL A 430 37.12 -10.77 -8.55
CA VAL A 430 37.18 -9.34 -8.68
C VAL A 430 38.65 -9.00 -8.62
N PRO A 431 39.20 -8.56 -9.76
CA PRO A 431 40.60 -8.17 -9.92
C PRO A 431 40.86 -7.04 -8.96
N LYS A 432 41.99 -7.11 -8.28
CA LYS A 432 42.36 -6.09 -7.30
C LYS A 432 42.40 -4.65 -7.87
N LYS A 433 42.68 -4.48 -9.15
CA LYS A 433 42.68 -3.12 -9.62
C LYS A 433 41.31 -2.48 -9.34
N LEU A 434 40.24 -3.27 -9.47
CA LEU A 434 38.91 -2.72 -9.21
C LEU A 434 38.65 -2.63 -7.69
N LEU A 435 38.87 -3.73 -6.98
CA LEU A 435 38.74 -3.74 -5.54
C LEU A 435 39.47 -2.55 -4.93
N GLU A 436 40.58 -2.16 -5.53
CA GLU A 436 41.33 -1.03 -5.00
C GLU A 436 40.69 0.26 -5.41
N THR A 437 39.66 0.20 -6.22
CA THR A 437 39.05 1.47 -6.59
C THR A 437 37.79 1.84 -5.80
N ASP A 438 37.13 0.85 -5.21
CA ASP A 438 35.95 1.14 -4.46
C ASP A 438 36.29 1.92 -3.20
N SER A 439 35.27 2.50 -2.58
CA SER A 439 35.50 3.29 -1.39
C SER A 439 35.28 2.64 -0.06
N ILE A 440 34.06 2.33 0.31
CA ILE A 440 33.89 1.70 1.64
C ILE A 440 33.21 0.38 1.40
N THR A 441 32.70 0.24 0.20
CA THR A 441 31.97 -0.92 -0.17
C THR A 441 32.36 -1.42 -1.56
N LEU A 442 32.43 -2.73 -1.72
CA LEU A 442 32.69 -3.28 -3.04
C LEU A 442 31.28 -3.40 -3.53
N VAL A 443 31.01 -2.79 -4.66
CA VAL A 443 29.66 -2.91 -5.21
C VAL A 443 29.63 -3.62 -6.57
N LEU A 444 28.82 -4.66 -6.64
CA LEU A 444 28.69 -5.36 -7.91
C LEU A 444 27.26 -5.16 -8.49
N GLU A 445 27.17 -5.24 -9.81
CA GLU A 445 25.88 -5.06 -10.50
C GLU A 445 25.59 -6.34 -11.23
N ALA A 446 24.43 -6.96 -10.99
CA ALA A 446 24.08 -8.22 -11.68
C ALA A 446 22.82 -8.01 -12.53
N VAL A 447 22.92 -8.29 -13.81
CA VAL A 447 21.78 -8.14 -14.71
C VAL A 447 21.26 -9.51 -15.19
N ARG B 7 3.54 -12.02 13.91
CA ARG B 7 2.36 -12.20 13.03
C ARG B 7 1.60 -10.86 12.79
N TYR B 8 0.27 -10.85 12.85
CA TYR B 8 -0.48 -9.59 12.67
C TYR B 8 -1.29 -9.57 13.94
N LYS B 9 -1.57 -8.36 14.46
CA LYS B 9 -2.29 -8.26 15.68
C LYS B 9 -3.69 -7.89 15.37
N PRO B 10 -4.64 -8.37 16.19
CA PRO B 10 -6.02 -8.02 15.89
C PRO B 10 -6.37 -6.54 16.10
N ASP B 11 -5.81 -5.69 15.29
CA ASP B 11 -6.20 -4.29 15.36
C ASP B 11 -5.88 -3.60 14.03
N TRP B 12 -6.70 -2.63 13.67
CA TRP B 12 -6.54 -1.92 12.39
C TRP B 12 -5.13 -1.38 12.10
N GLU B 13 -4.49 -0.75 13.09
CA GLU B 13 -3.16 -0.19 12.88
C GLU B 13 -2.29 -1.32 12.38
N SER B 14 -2.27 -2.43 13.09
CA SER B 14 -1.48 -3.57 12.67
C SER B 14 -1.85 -4.22 11.33
N LEU B 15 -3.15 -4.48 11.09
CA LEU B 15 -3.62 -5.09 9.83
C LEU B 15 -3.22 -4.26 8.64
N ARG B 16 -3.08 -2.97 8.86
CA ARG B 16 -2.69 -2.04 7.80
C ARG B 16 -1.34 -2.44 7.14
N GLU B 17 -0.49 -3.13 7.90
CA GLU B 17 0.81 -3.69 7.44
C GLU B 17 0.67 -4.69 6.28
N HIS B 18 -0.52 -5.24 6.09
CA HIS B 18 -0.78 -6.19 5.03
C HIS B 18 -1.33 -5.47 3.82
N THR B 19 -0.73 -5.64 2.66
CA THR B 19 -1.33 -4.98 1.50
C THR B 19 -1.62 -5.97 0.38
N VAL B 20 -2.22 -5.46 -0.69
CA VAL B 20 -2.59 -6.39 -1.74
C VAL B 20 -1.35 -7.19 -2.14
N PRO B 21 -1.44 -8.52 -2.09
CA PRO B 21 -0.31 -9.37 -2.46
C PRO B 21 0.05 -9.23 -3.95
N LYS B 22 1.30 -9.53 -4.33
CA LYS B 22 1.79 -9.43 -5.72
C LYS B 22 1.02 -10.29 -6.73
N TRP B 23 0.77 -11.55 -6.38
CA TRP B 23 0.06 -12.42 -7.29
C TRP B 23 -1.24 -11.76 -7.75
N PHE B 24 -1.99 -11.19 -6.80
CA PHE B 24 -3.25 -10.50 -7.14
C PHE B 24 -3.02 -9.26 -8.05
N ASP B 25 -2.07 -8.38 -7.70
CA ASP B 25 -1.80 -7.22 -8.56
C ASP B 25 -1.35 -7.67 -9.97
N LYS B 26 -0.54 -8.71 -10.04
CA LYS B 26 -0.03 -9.21 -11.31
C LYS B 26 -1.07 -9.98 -12.14
N ALA B 27 -2.05 -10.55 -11.45
CA ALA B 27 -3.06 -11.38 -12.07
C ALA B 27 -3.95 -10.78 -13.12
N LYS B 28 -4.48 -9.58 -12.88
CA LYS B 28 -5.33 -8.85 -13.88
C LYS B 28 -6.66 -9.45 -14.30
N PHE B 29 -6.81 -10.77 -14.25
CA PHE B 29 -8.06 -11.39 -14.69
C PHE B 29 -8.51 -12.60 -13.86
N GLY B 30 -9.75 -12.55 -13.39
CA GLY B 30 -10.30 -13.64 -12.61
C GLY B 30 -11.74 -13.95 -13.02
N ILE B 31 -12.17 -15.16 -12.72
CA ILE B 31 -13.52 -15.59 -13.01
C ILE B 31 -14.34 -15.66 -11.70
N PHE B 32 -15.52 -15.03 -11.74
CA PHE B 32 -16.52 -14.97 -10.66
C PHE B 32 -17.57 -16.03 -11.04
N ILE B 33 -18.13 -16.69 -10.06
CA ILE B 33 -19.17 -17.67 -10.36
C ILE B 33 -20.32 -17.50 -9.43
N HIS B 34 -21.46 -17.11 -9.95
CA HIS B 34 -22.68 -16.98 -9.16
C HIS B 34 -23.47 -18.19 -9.57
N TRP B 35 -23.48 -19.17 -8.67
CA TRP B 35 -24.13 -20.42 -8.90
C TRP B 35 -24.88 -20.81 -7.67
N GLY B 36 -26.16 -21.09 -7.83
CA GLY B 36 -26.94 -21.45 -6.67
C GLY B 36 -28.28 -21.98 -7.06
N ILE B 37 -29.17 -22.15 -6.08
CA ILE B 37 -30.48 -22.71 -6.40
C ILE B 37 -31.30 -21.76 -7.24
N TYR B 38 -30.83 -20.52 -7.32
CA TYR B 38 -31.48 -19.53 -8.15
C TYR B 38 -31.19 -19.89 -9.61
N SER B 39 -30.12 -20.64 -9.82
CA SER B 39 -29.74 -21.04 -11.17
C SER B 39 -30.81 -21.93 -11.85
N VAL B 40 -31.64 -22.56 -11.02
CA VAL B 40 -32.64 -23.43 -11.55
C VAL B 40 -33.67 -22.57 -12.24
N PRO B 41 -34.41 -21.77 -11.48
CA PRO B 41 -35.34 -20.99 -12.30
C PRO B 41 -34.61 -20.21 -13.42
N GLY B 42 -33.34 -19.86 -13.19
CA GLY B 42 -32.52 -19.09 -14.14
C GLY B 42 -33.25 -18.08 -15.00
N TRP B 43 -33.97 -17.14 -14.36
CA TRP B 43 -34.84 -16.15 -15.02
C TRP B 43 -34.83 -14.73 -14.40
N ALA B 44 -34.69 -13.72 -15.25
CA ALA B 44 -34.73 -12.30 -14.83
C ALA B 44 -35.12 -11.45 -16.03
N THR B 45 -35.69 -10.28 -15.75
CA THR B 45 -36.01 -9.36 -16.84
C THR B 45 -34.67 -8.63 -17.06
N PRO B 46 -34.11 -8.71 -18.29
CA PRO B 46 -32.84 -8.05 -18.61
C PRO B 46 -33.01 -6.55 -18.81
N THR B 47 -33.38 -5.89 -17.73
CA THR B 47 -33.64 -4.47 -17.80
C THR B 47 -32.53 -3.54 -18.27
N GLY B 48 -31.31 -3.76 -17.76
CA GLY B 48 -30.20 -2.87 -18.11
C GLY B 48 -29.08 -2.96 -17.10
N GLU B 49 -28.12 -2.06 -17.22
CA GLU B 49 -26.95 -2.04 -16.34
C GLU B 49 -27.12 -1.29 -15.02
N LEU B 50 -26.55 -1.84 -13.94
CA LEU B 50 -26.65 -1.19 -12.65
C LEU B 50 -25.95 0.15 -12.78
N GLY B 51 -26.67 1.19 -12.37
CA GLY B 51 -26.14 2.54 -12.46
C GLY B 51 -26.82 3.32 -13.56
N LYS B 52 -27.52 2.66 -14.48
CA LYS B 52 -28.22 3.35 -15.56
C LYS B 52 -29.73 3.08 -15.46
N VAL B 53 -30.11 1.97 -14.82
CA VAL B 53 -31.55 1.70 -14.60
C VAL B 53 -31.89 2.48 -13.33
N PRO B 54 -33.01 3.22 -13.36
CA PRO B 54 -33.40 3.99 -12.15
C PRO B 54 -33.74 3.10 -10.89
N MET B 55 -33.11 3.41 -9.77
CA MET B 55 -33.33 2.64 -8.56
C MET B 55 -34.74 2.60 -7.93
N ASP B 56 -35.70 3.36 -8.48
CA ASP B 56 -37.07 3.33 -7.98
C ASP B 56 -37.87 2.25 -8.72
N ALA B 57 -37.24 1.64 -9.71
CA ALA B 57 -37.86 0.58 -10.48
C ALA B 57 -36.97 -0.70 -10.45
N TRP B 58 -35.66 -0.50 -10.25
CA TRP B 58 -34.71 -1.60 -10.23
C TRP B 58 -35.10 -2.90 -9.50
N PHE B 59 -35.56 -2.86 -8.24
CA PHE B 59 -35.92 -4.12 -7.56
C PHE B 59 -37.18 -4.76 -8.08
N PHE B 60 -37.96 -3.99 -8.85
CA PHE B 60 -39.22 -4.46 -9.40
C PHE B 60 -39.08 -5.14 -10.74
N GLN B 61 -37.95 -4.90 -11.40
CA GLN B 61 -37.61 -5.51 -12.69
C GLN B 61 -36.11 -5.75 -12.63
N ASN B 62 -35.69 -6.43 -11.57
CA ASN B 62 -34.32 -6.76 -11.32
C ASN B 62 -33.63 -7.61 -12.41
N PRO B 63 -32.56 -7.10 -13.01
CA PRO B 63 -31.85 -7.88 -14.03
C PRO B 63 -30.89 -8.93 -13.36
N TYR B 64 -30.70 -8.85 -12.04
CA TYR B 64 -29.85 -9.78 -11.32
C TYR B 64 -30.70 -11.01 -11.01
N ALA B 65 -30.50 -12.07 -11.79
CA ALA B 65 -31.31 -13.29 -11.63
C ALA B 65 -31.01 -13.98 -10.34
N GLU B 66 -29.82 -13.82 -9.77
CA GLU B 66 -29.56 -14.45 -8.46
C GLU B 66 -30.48 -13.78 -7.37
N TRP B 67 -31.13 -12.67 -7.73
CA TRP B 67 -32.04 -11.97 -6.86
C TRP B 67 -33.46 -12.49 -7.03
N TYR B 68 -33.62 -13.60 -7.72
CA TYR B 68 -34.94 -14.22 -7.96
C TYR B 68 -35.89 -14.27 -6.73
N GLU B 69 -35.40 -14.80 -5.59
CA GLU B 69 -36.21 -14.90 -4.37
C GLU B 69 -36.70 -13.54 -3.86
N ASN B 70 -35.82 -12.54 -3.87
CA ASN B 70 -36.26 -11.22 -3.47
C ASN B 70 -37.41 -10.71 -4.40
N SER B 71 -37.24 -10.92 -5.71
CA SER B 71 -38.23 -10.56 -6.71
C SER B 71 -39.50 -11.38 -6.50
N LEU B 72 -39.31 -12.69 -6.28
CA LEU B 72 -40.45 -13.56 -6.04
C LEU B 72 -41.26 -13.09 -4.81
N ARG B 73 -40.60 -12.47 -3.82
CA ARG B 73 -41.35 -11.98 -2.63
C ARG B 73 -42.15 -10.65 -2.88
N ILE B 74 -42.02 -10.09 -4.06
CA ILE B 74 -42.72 -8.90 -4.43
C ILE B 74 -43.87 -9.36 -5.33
N LYS B 75 -45.07 -9.49 -4.75
CA LYS B 75 -46.24 -9.93 -5.52
C LYS B 75 -46.46 -9.07 -6.77
N GLU B 76 -46.70 -9.75 -7.88
CA GLU B 76 -46.89 -9.02 -9.09
C GLU B 76 -45.67 -8.10 -9.28
N SER B 77 -44.76 -8.72 -9.97
CA SER B 77 -43.51 -8.17 -10.40
C SER B 77 -43.28 -9.21 -11.50
N PRO B 78 -42.50 -8.87 -12.50
CA PRO B 78 -42.32 -9.93 -13.50
C PRO B 78 -41.99 -11.30 -12.87
N THR B 79 -41.02 -11.39 -11.95
CA THR B 79 -40.69 -12.68 -11.36
C THR B 79 -41.88 -13.43 -10.72
N TRP B 80 -42.74 -12.74 -9.97
CA TRP B 80 -43.89 -13.39 -9.35
C TRP B 80 -44.78 -14.02 -10.44
N GLU B 81 -45.07 -13.18 -11.44
CA GLU B 81 -45.82 -13.51 -12.64
C GLU B 81 -45.32 -14.82 -13.21
N TYR B 82 -44.03 -14.80 -13.55
CA TYR B 82 -43.33 -15.90 -14.12
C TYR B 82 -43.31 -17.15 -13.25
N HIS B 83 -43.04 -16.96 -11.97
CA HIS B 83 -42.93 -18.09 -11.10
C HIS B 83 -44.25 -18.89 -11.02
N VAL B 84 -45.33 -18.18 -10.68
CA VAL B 84 -46.64 -18.79 -10.52
C VAL B 84 -47.13 -19.51 -11.76
N LYS B 85 -46.83 -18.91 -12.90
CA LYS B 85 -47.24 -19.51 -14.14
C LYS B 85 -46.38 -20.71 -14.57
N THR B 86 -45.13 -20.74 -14.11
CA THR B 86 -44.20 -21.82 -14.45
C THR B 86 -44.15 -22.92 -13.39
N TYR B 87 -44.17 -22.52 -12.13
CA TYR B 87 -44.04 -23.46 -11.05
C TYR B 87 -45.26 -23.52 -10.15
N GLY B 88 -45.99 -22.41 -10.10
CA GLY B 88 -47.19 -22.32 -9.28
C GLY B 88 -46.98 -21.68 -7.93
N GLU B 89 -48.08 -21.37 -7.26
CA GLU B 89 -48.00 -20.75 -5.97
C GLU B 89 -47.61 -21.65 -4.82
N ASN B 90 -48.01 -22.93 -4.87
CA ASN B 90 -47.67 -23.90 -3.83
C ASN B 90 -46.19 -24.27 -4.01
N PHE B 91 -45.42 -23.43 -4.69
CA PHE B 91 -44.03 -23.74 -4.93
C PHE B 91 -43.07 -22.74 -4.32
N GLU B 92 -42.66 -22.95 -3.06
CA GLU B 92 -41.73 -22.04 -2.36
C GLU B 92 -40.38 -22.01 -3.04
N TYR B 93 -39.70 -20.87 -2.94
CA TYR B 93 -38.35 -20.70 -3.45
C TYR B 93 -37.36 -21.80 -2.99
N GLU B 94 -37.39 -22.18 -1.71
CA GLU B 94 -36.48 -23.18 -1.11
C GLU B 94 -36.51 -24.53 -1.81
N LYS B 95 -37.69 -24.89 -2.34
CA LYS B 95 -37.92 -26.13 -3.09
C LYS B 95 -36.85 -26.28 -4.24
N PHE B 96 -36.30 -25.15 -4.71
CA PHE B 96 -35.24 -25.14 -5.74
C PHE B 96 -33.96 -25.78 -5.28
N ALA B 97 -33.72 -25.86 -3.97
CA ALA B 97 -32.52 -26.53 -3.43
C ALA B 97 -32.53 -28.07 -3.74
N ASP B 98 -33.72 -28.59 -3.94
CA ASP B 98 -33.88 -30.00 -4.24
C ASP B 98 -33.73 -30.27 -5.73
N LEU B 99 -34.12 -29.27 -6.53
CA LEU B 99 -34.04 -29.34 -7.96
C LEU B 99 -32.63 -28.98 -8.37
N PHE B 100 -31.85 -28.40 -7.47
CA PHE B 100 -30.49 -28.04 -7.77
C PHE B 100 -29.55 -29.28 -7.74
N THR B 101 -29.49 -30.03 -8.83
CA THR B 101 -28.72 -31.28 -8.82
C THR B 101 -27.36 -31.42 -9.49
N ALA B 102 -26.89 -30.35 -10.17
CA ALA B 102 -25.56 -30.35 -10.81
C ALA B 102 -25.20 -31.66 -11.56
N GLU B 103 -26.22 -32.27 -12.13
CA GLU B 103 -26.10 -33.53 -12.85
C GLU B 103 -24.93 -33.57 -13.83
N LYS B 104 -24.68 -32.48 -14.54
CA LYS B 104 -23.62 -32.47 -15.55
C LYS B 104 -22.35 -31.78 -15.13
N TRP B 105 -22.22 -31.46 -13.85
CA TRP B 105 -21.07 -30.74 -13.38
C TRP B 105 -19.75 -31.46 -13.30
N ASP B 106 -18.71 -30.83 -13.80
CA ASP B 106 -17.38 -31.43 -13.70
C ASP B 106 -16.42 -30.30 -13.39
N PRO B 107 -16.07 -30.13 -12.11
CA PRO B 107 -15.16 -29.03 -11.79
C PRO B 107 -13.84 -28.95 -12.58
N GLN B 108 -13.29 -30.07 -13.05
CA GLN B 108 -12.03 -30.01 -13.82
C GLN B 108 -12.27 -29.36 -15.17
N GLU B 109 -13.41 -29.68 -15.79
CA GLU B 109 -13.75 -29.05 -17.03
C GLU B 109 -13.80 -27.53 -16.82
N TRP B 110 -14.38 -27.07 -15.71
CA TRP B 110 -14.50 -25.62 -15.42
C TRP B 110 -13.15 -24.94 -15.31
N ALA B 111 -12.29 -25.57 -14.53
CA ALA B 111 -10.96 -25.07 -14.30
C ALA B 111 -10.15 -25.04 -15.64
N ASP B 112 -10.41 -26.02 -16.50
CA ASP B 112 -9.77 -26.06 -17.79
C ASP B 112 -10.28 -24.87 -18.62
N LEU B 113 -11.60 -24.71 -18.69
CA LEU B 113 -12.18 -23.58 -19.36
C LEU B 113 -11.61 -22.22 -18.87
N PHE B 114 -11.59 -21.98 -17.55
CA PHE B 114 -11.10 -20.70 -16.99
C PHE B 114 -9.61 -20.50 -17.24
N LYS B 115 -8.85 -21.60 -17.23
CA LYS B 115 -7.45 -21.46 -17.52
C LYS B 115 -7.26 -21.09 -19.01
N LYS B 116 -7.98 -21.79 -19.88
CA LYS B 116 -7.90 -21.48 -21.29
C LYS B 116 -8.32 -20.02 -21.53
N ALA B 117 -9.28 -19.51 -20.76
CA ALA B 117 -9.77 -18.15 -20.91
C ALA B 117 -8.70 -17.14 -20.42
N GLY B 118 -7.65 -17.65 -19.80
CA GLY B 118 -6.63 -16.76 -19.33
C GLY B 118 -6.86 -16.20 -17.94
N ALA B 119 -7.85 -16.69 -17.17
CA ALA B 119 -8.05 -16.23 -15.77
C ALA B 119 -6.98 -16.81 -14.85
N LYS B 120 -6.51 -16.01 -13.89
CA LYS B 120 -5.45 -16.53 -13.01
C LYS B 120 -5.98 -16.87 -11.64
N TYR B 121 -7.29 -16.60 -11.45
CA TYR B 121 -7.91 -16.90 -10.19
C TYR B 121 -9.36 -17.04 -10.43
N VAL B 122 -10.02 -17.78 -9.55
CA VAL B 122 -11.46 -18.06 -9.62
C VAL B 122 -12.14 -17.82 -8.29
N ILE B 123 -13.33 -17.23 -8.30
CA ILE B 123 -14.07 -17.02 -7.01
C ILE B 123 -15.59 -17.28 -7.11
N PRO B 124 -16.04 -18.40 -6.54
CA PRO B 124 -17.45 -18.77 -6.55
C PRO B 124 -18.21 -18.20 -5.32
N THR B 125 -19.52 -18.07 -5.46
CA THR B 125 -20.37 -17.62 -4.39
C THR B 125 -20.51 -18.88 -3.43
N THR B 126 -19.98 -18.81 -2.21
CA THR B 126 -20.14 -19.97 -1.33
C THR B 126 -21.55 -19.92 -0.64
N LYS B 127 -22.10 -18.70 -0.56
CA LYS B 127 -23.40 -18.34 0.04
C LYS B 127 -23.83 -16.96 -0.49
N HIS B 128 -24.94 -16.95 -1.20
CA HIS B 128 -25.46 -15.72 -1.75
C HIS B 128 -26.58 -15.17 -0.87
N HIS B 129 -27.19 -14.06 -1.28
CA HIS B 129 -28.26 -13.45 -0.47
C HIS B 129 -29.37 -14.35 0.03
N ASP B 130 -29.64 -15.46 -0.66
CA ASP B 130 -30.67 -16.37 -0.26
C ASP B 130 -30.24 -17.35 0.88
N GLY B 131 -28.96 -17.28 1.27
CA GLY B 131 -28.47 -18.09 2.34
C GLY B 131 -28.20 -19.55 2.04
N PHE B 132 -28.36 -19.97 0.80
CA PHE B 132 -28.06 -21.35 0.54
C PHE B 132 -26.50 -21.54 0.46
N CYS B 133 -25.95 -22.49 1.20
CA CYS B 133 -24.51 -22.68 1.22
C CYS B 133 -24.04 -23.83 0.33
N LEU B 134 -22.97 -23.58 -0.43
CA LEU B 134 -22.42 -24.53 -1.38
C LEU B 134 -21.27 -25.40 -0.80
N TRP B 135 -21.20 -25.50 0.52
CA TRP B 135 -20.19 -26.34 1.16
C TRP B 135 -20.87 -27.00 2.33
N GLY B 136 -20.34 -28.09 2.82
CA GLY B 136 -21.04 -28.69 3.93
C GLY B 136 -20.81 -27.94 5.26
N THR B 137 -21.27 -26.71 5.36
CA THR B 137 -21.07 -25.98 6.59
C THR B 137 -21.75 -26.73 7.74
N LYS B 138 -21.28 -26.50 8.96
CA LYS B 138 -21.92 -27.17 10.04
C LYS B 138 -22.85 -26.21 10.75
N TYR B 139 -23.18 -25.10 10.11
CA TYR B 139 -24.03 -24.16 10.80
C TYR B 139 -25.40 -23.98 10.19
N THR B 140 -25.70 -24.86 9.25
CA THR B 140 -26.99 -24.89 8.62
C THR B 140 -27.08 -26.10 7.72
N ASP B 141 -28.30 -26.57 7.56
CA ASP B 141 -28.59 -27.71 6.73
C ASP B 141 -29.12 -27.34 5.38
N PHE B 142 -29.15 -26.04 5.15
CA PHE B 142 -29.60 -25.49 3.86
C PHE B 142 -28.26 -25.31 3.07
N ASN B 143 -27.64 -26.44 2.74
CA ASN B 143 -26.40 -26.43 2.02
C ASN B 143 -26.37 -27.50 0.95
N SER B 144 -25.41 -27.40 0.05
CA SER B 144 -25.34 -28.32 -1.05
C SER B 144 -25.04 -29.79 -0.70
N VAL B 145 -24.50 -30.03 0.50
CA VAL B 145 -24.17 -31.37 0.96
C VAL B 145 -25.43 -32.10 1.41
N LYS B 146 -26.35 -31.40 2.11
CA LYS B 146 -27.60 -32.01 2.58
C LYS B 146 -28.72 -31.92 1.58
N ARG B 147 -28.65 -30.96 0.67
CA ARG B 147 -29.74 -30.83 -0.30
C ARG B 147 -29.17 -30.97 -1.70
N GLY B 148 -30.07 -30.95 -2.70
CA GLY B 148 -29.69 -31.02 -4.10
C GLY B 148 -28.44 -31.70 -4.65
N PRO B 149 -27.32 -30.99 -4.84
CA PRO B 149 -26.10 -31.63 -5.38
C PRO B 149 -25.53 -32.78 -4.59
N LYS B 150 -25.81 -32.84 -3.28
CA LYS B 150 -25.28 -33.85 -2.36
C LYS B 150 -23.78 -33.85 -2.58
N ARG B 151 -23.17 -32.68 -2.43
CA ARG B 151 -21.76 -32.59 -2.72
C ARG B 151 -21.18 -31.27 -2.26
N ASP B 152 -19.93 -31.27 -1.86
CA ASP B 152 -19.25 -30.05 -1.43
C ASP B 152 -18.74 -29.29 -2.67
N LEU B 153 -19.64 -28.50 -3.27
CA LEU B 153 -19.31 -27.75 -4.48
C LEU B 153 -18.06 -26.90 -4.24
N VAL B 154 -18.05 -26.12 -3.15
CA VAL B 154 -16.89 -25.26 -2.86
C VAL B 154 -15.56 -26.00 -2.81
N GLY B 155 -15.47 -27.05 -1.97
CA GLY B 155 -14.24 -27.80 -1.85
C GLY B 155 -13.80 -28.50 -3.14
N ASP B 156 -14.76 -29.13 -3.79
CA ASP B 156 -14.46 -29.81 -5.04
C ASP B 156 -13.98 -28.81 -6.09
N LEU B 157 -14.54 -27.62 -6.13
CA LEU B 157 -14.08 -26.66 -7.13
C LEU B 157 -12.72 -26.08 -6.76
N ALA B 158 -12.45 -26.00 -5.47
CA ALA B 158 -11.20 -25.45 -5.05
C ALA B 158 -10.04 -26.37 -5.43
N LYS B 159 -10.29 -27.69 -5.33
CA LYS B 159 -9.30 -28.75 -5.65
C LYS B 159 -9.02 -28.68 -7.17
N ALA B 160 -10.07 -28.58 -7.97
CA ALA B 160 -9.91 -28.45 -9.42
C ALA B 160 -9.14 -27.22 -9.82
N VAL B 161 -9.58 -26.06 -9.36
CA VAL B 161 -8.92 -24.81 -9.72
C VAL B 161 -7.44 -24.81 -9.36
N ARG B 162 -7.15 -25.25 -8.14
CA ARG B 162 -5.79 -25.25 -7.65
C ARG B 162 -4.92 -26.26 -8.37
N GLU B 163 -5.55 -27.32 -8.85
CA GLU B 163 -4.87 -28.35 -9.58
C GLU B 163 -4.47 -27.82 -10.98
N ALA B 164 -5.26 -26.85 -11.50
CA ALA B 164 -5.02 -26.17 -12.78
C ALA B 164 -3.99 -25.04 -12.60
N GLY B 165 -3.59 -24.80 -11.36
CA GLY B 165 -2.62 -23.76 -11.10
C GLY B 165 -3.22 -22.37 -10.85
N LEU B 166 -4.55 -22.29 -10.73
CA LEU B 166 -5.14 -20.97 -10.50
C LEU B 166 -5.32 -20.73 -9.02
N ARG B 167 -5.43 -19.46 -8.63
CA ARG B 167 -5.67 -19.12 -7.25
C ARG B 167 -7.18 -19.31 -6.99
N PHE B 168 -7.56 -19.60 -5.74
CA PHE B 168 -8.96 -19.80 -5.37
C PHE B 168 -9.44 -18.85 -4.28
N GLY B 169 -10.56 -18.20 -4.56
CA GLY B 169 -11.12 -17.27 -3.60
C GLY B 169 -12.55 -17.67 -3.23
N VAL B 170 -13.15 -16.89 -2.33
CA VAL B 170 -14.52 -17.17 -1.92
C VAL B 170 -15.31 -15.88 -1.79
N TYR B 171 -16.56 -16.00 -2.25
CA TYR B 171 -17.57 -14.96 -2.19
C TYR B 171 -18.51 -15.42 -1.08
N TYR B 172 -18.93 -14.48 -0.24
CA TYR B 172 -19.84 -14.72 0.86
C TYR B 172 -20.77 -13.51 1.04
N SER B 173 -22.06 -13.78 1.13
CA SER B 173 -22.97 -12.68 1.36
C SER B 173 -23.10 -12.40 2.86
N GLY B 174 -22.14 -11.67 3.42
CA GLY B 174 -22.24 -11.34 4.82
C GLY B 174 -23.32 -10.28 5.07
N GLY B 175 -23.49 -9.29 4.18
CA GLY B 175 -24.49 -8.29 4.48
C GLY B 175 -25.96 -8.69 4.33
N LEU B 176 -26.22 -9.76 3.59
CA LEU B 176 -27.62 -10.13 3.39
C LEU B 176 -27.72 -11.61 3.45
N ASP B 177 -28.83 -12.07 4.09
CA ASP B 177 -29.19 -13.48 4.17
C ASP B 177 -30.74 -13.50 4.35
N TRP B 178 -31.45 -13.87 3.29
CA TRP B 178 -32.93 -13.86 3.33
C TRP B 178 -33.54 -14.98 4.13
N ARG B 179 -32.69 -15.81 4.72
CA ARG B 179 -33.20 -16.87 5.56
C ARG B 179 -33.50 -16.22 6.91
N PHE B 180 -33.11 -14.95 7.06
CA PHE B 180 -33.36 -14.26 8.32
C PHE B 180 -34.30 -13.09 8.17
N THR B 181 -34.89 -12.91 7.01
CA THR B 181 -35.82 -11.80 6.80
C THR B 181 -37.04 -12.30 6.07
N THR B 182 -38.13 -11.55 6.12
CA THR B 182 -39.30 -11.95 5.39
C THR B 182 -39.65 -10.91 4.31
N GLU B 183 -39.53 -9.63 4.64
CA GLU B 183 -39.88 -8.58 3.70
C GLU B 183 -38.81 -8.42 2.66
N PRO B 184 -39.21 -8.30 1.38
CA PRO B 184 -38.22 -8.16 0.32
C PRO B 184 -37.73 -6.72 0.30
N ILE B 185 -36.65 -6.53 -0.43
CA ILE B 185 -36.08 -5.22 -0.65
C ILE B 185 -36.86 -4.60 -1.79
N ARG B 186 -37.55 -3.48 -1.54
CA ARG B 186 -38.30 -2.87 -2.66
C ARG B 186 -37.62 -1.62 -3.17
N TYR B 187 -36.91 -0.94 -2.27
CA TYR B 187 -36.21 0.31 -2.58
C TYR B 187 -34.83 0.32 -1.97
N PRO B 188 -33.93 1.11 -2.55
CA PRO B 188 -32.58 1.10 -1.95
C PRO B 188 -32.63 1.47 -0.44
N GLU B 189 -33.52 2.35 -0.04
CA GLU B 189 -33.69 2.70 1.38
C GLU B 189 -33.96 1.48 2.28
N ASP B 190 -34.67 0.47 1.76
CA ASP B 190 -34.98 -0.72 2.58
C ASP B 190 -33.74 -1.44 3.12
N LEU B 191 -32.64 -1.32 2.38
CA LEU B 191 -31.37 -1.93 2.78
C LEU B 191 -30.79 -1.46 4.13
N SER B 192 -31.21 -0.27 4.54
CA SER B 192 -30.74 0.23 5.81
C SER B 192 -31.49 -0.40 7.01
N TYR B 193 -32.64 -1.02 6.80
CA TYR B 193 -33.26 -1.65 7.95
C TYR B 193 -33.69 -3.10 7.69
N ILE B 194 -33.79 -3.51 6.43
CA ILE B 194 -34.18 -4.89 6.17
C ILE B 194 -32.96 -5.82 6.04
N ARG B 195 -32.43 -6.25 7.18
CA ARG B 195 -31.24 -7.06 7.33
C ARG B 195 -31.49 -8.00 8.52
N PRO B 196 -30.65 -9.04 8.69
CA PRO B 196 -30.84 -9.97 9.81
C PRO B 196 -30.97 -9.17 11.15
N ASN B 197 -30.00 -8.26 11.38
CA ASN B 197 -29.97 -7.35 12.50
C ASN B 197 -29.65 -7.92 13.89
N THR B 198 -29.69 -9.24 14.00
CA THR B 198 -29.40 -9.88 15.25
C THR B 198 -27.96 -10.24 15.54
N TYR B 199 -27.72 -10.50 16.83
CA TYR B 199 -26.40 -10.93 17.28
C TYR B 199 -26.14 -12.35 16.77
N GLU B 200 -27.18 -13.17 16.76
CA GLU B 200 -27.15 -14.52 16.24
C GLU B 200 -26.61 -14.54 14.78
N TYR B 201 -27.03 -13.59 13.95
CA TYR B 201 -26.60 -13.52 12.58
C TYR B 201 -25.13 -13.11 12.47
N ALA B 202 -24.74 -12.17 13.32
CA ALA B 202 -23.36 -11.73 13.35
C ALA B 202 -22.46 -12.93 13.69
N ASP B 203 -22.87 -13.77 14.68
CA ASP B 203 -22.04 -14.93 15.07
C ASP B 203 -21.94 -15.89 13.89
N TYR B 204 -23.09 -16.13 13.28
CA TYR B 204 -23.26 -17.00 12.14
C TYR B 204 -22.32 -16.66 10.99
N ALA B 205 -22.37 -15.41 10.53
CA ALA B 205 -21.52 -14.93 9.46
C ALA B 205 -20.04 -15.15 9.85
N TYR B 206 -19.70 -14.73 11.06
CA TYR B 206 -18.35 -14.94 11.58
C TYR B 206 -17.91 -16.40 11.56
N LYS B 207 -18.76 -17.28 12.06
CA LYS B 207 -18.37 -18.66 12.11
C LYS B 207 -18.32 -19.21 10.71
N GLN B 208 -19.20 -18.74 9.85
CA GLN B 208 -19.15 -19.31 8.50
C GLN B 208 -17.92 -18.91 7.75
N VAL B 209 -17.49 -17.65 7.85
CA VAL B 209 -16.26 -17.26 7.16
C VAL B 209 -15.02 -17.93 7.81
N MET B 210 -15.00 -18.03 9.15
CA MET B 210 -13.90 -18.73 9.85
C MET B 210 -13.81 -20.19 9.33
N GLU B 211 -14.98 -20.77 9.04
CA GLU B 211 -15.07 -22.13 8.56
C GLU B 211 -14.52 -22.25 7.16
N LEU B 212 -14.80 -21.27 6.31
CA LEU B 212 -14.31 -21.24 4.95
C LEU B 212 -12.81 -21.10 5.03
N VAL B 213 -12.32 -20.27 5.94
CA VAL B 213 -10.88 -20.12 6.11
C VAL B 213 -10.23 -21.44 6.58
N ASP B 214 -10.78 -22.05 7.61
CA ASP B 214 -10.21 -23.28 8.09
C ASP B 214 -10.28 -24.43 7.09
N LEU B 215 -11.41 -24.62 6.40
CA LEU B 215 -11.58 -25.70 5.42
C LEU B 215 -10.89 -25.54 4.06
N TYR B 216 -10.80 -24.31 3.54
CA TYR B 216 -10.20 -24.10 2.20
C TYR B 216 -9.09 -23.09 2.10
N LEU B 217 -8.78 -22.35 3.19
CA LEU B 217 -7.75 -21.29 3.19
C LEU B 217 -7.76 -20.54 1.86
N PRO B 218 -8.85 -19.85 1.56
CA PRO B 218 -8.95 -19.12 0.29
C PRO B 218 -7.91 -18.06 0.08
N ASP B 219 -7.69 -17.78 -1.20
CA ASP B 219 -6.72 -16.78 -1.61
C ASP B 219 -7.29 -15.34 -1.51
N VAL B 220 -8.62 -15.26 -1.51
CA VAL B 220 -9.34 -14.01 -1.44
C VAL B 220 -10.59 -14.23 -0.62
N LEU B 221 -10.92 -13.22 0.20
CA LEU B 221 -12.14 -13.21 1.00
C LEU B 221 -12.95 -12.11 0.35
N TRP B 222 -13.91 -12.52 -0.49
CA TRP B 222 -14.74 -11.54 -1.18
C TRP B 222 -16.13 -11.41 -0.52
N ASN B 223 -16.24 -10.43 0.37
CA ASN B 223 -17.50 -10.19 1.04
C ASN B 223 -18.50 -9.33 0.24
N ASP B 224 -19.78 -9.49 0.50
CA ASP B 224 -20.71 -8.63 -0.17
C ASP B 224 -21.78 -8.01 0.74
N MET B 225 -22.22 -6.83 0.35
CA MET B 225 -23.26 -6.03 1.02
C MET B 225 -22.98 -5.57 2.41
N GLY B 226 -21.69 -5.38 2.71
CA GLY B 226 -21.28 -4.98 4.05
C GLY B 226 -21.31 -6.10 5.08
N TRP B 227 -20.78 -5.83 6.26
CA TRP B 227 -20.81 -6.82 7.31
C TRP B 227 -21.74 -6.42 8.43
N PRO B 228 -22.46 -7.39 8.98
CA PRO B 228 -23.39 -7.10 10.07
C PRO B 228 -22.75 -6.13 11.09
N GLU B 229 -23.41 -5.00 11.28
CA GLU B 229 -22.96 -3.98 12.22
C GLU B 229 -22.51 -4.56 13.57
N LYS B 230 -23.19 -5.56 14.12
CA LYS B 230 -22.78 -6.11 15.43
C LYS B 230 -21.51 -6.96 15.38
N GLY B 231 -21.13 -7.35 14.15
CA GLY B 231 -19.96 -8.18 13.99
C GLY B 231 -18.73 -7.48 13.44
N LYS B 232 -18.85 -6.20 13.17
CA LYS B 232 -17.73 -5.43 12.63
C LYS B 232 -16.43 -5.51 13.38
N GLU B 233 -16.44 -5.37 14.70
CA GLU B 233 -15.26 -5.49 15.52
C GLU B 233 -14.66 -6.88 15.44
N ASP B 234 -15.46 -7.88 15.07
CA ASP B 234 -14.98 -9.25 14.92
C ASP B 234 -13.92 -9.40 13.81
N LEU B 235 -14.02 -8.54 12.77
CA LEU B 235 -13.11 -8.62 11.64
C LEU B 235 -11.66 -8.38 11.99
N LYS B 236 -11.41 -7.59 13.02
CA LYS B 236 -10.03 -7.37 13.45
C LYS B 236 -9.44 -8.77 13.72
N TYR B 237 -10.25 -9.63 14.34
CA TYR B 237 -9.77 -10.94 14.72
C TYR B 237 -9.71 -11.88 13.57
N LEU B 238 -10.78 -11.85 12.77
CA LEU B 238 -10.86 -12.72 11.63
C LEU B 238 -9.75 -12.40 10.63
N PHE B 239 -9.53 -11.12 10.33
CA PHE B 239 -8.50 -10.73 9.38
C PHE B 239 -7.13 -11.13 9.94
N ALA B 240 -6.90 -10.97 11.25
CA ALA B 240 -5.58 -11.37 11.77
C ALA B 240 -5.39 -12.92 11.67
N TYR B 241 -6.46 -13.63 12.00
CA TYR B 241 -6.48 -15.07 11.96
C TYR B 241 -6.15 -15.58 10.54
N TYR B 242 -6.76 -14.93 9.58
CA TYR B 242 -6.63 -15.26 8.17
C TYR B 242 -5.25 -14.99 7.64
N TYR B 243 -4.76 -13.77 7.88
CA TYR B 243 -3.45 -13.32 7.46
C TYR B 243 -2.33 -14.11 8.13
N ASN B 244 -2.54 -14.50 9.38
CA ASN B 244 -1.53 -15.27 10.06
C ASN B 244 -1.44 -16.73 9.58
N LYS B 245 -2.49 -17.26 8.96
CA LYS B 245 -2.44 -18.61 8.43
C LYS B 245 -2.06 -18.46 6.93
N HIS B 246 -2.36 -17.31 6.34
CA HIS B 246 -2.12 -17.13 4.93
C HIS B 246 -1.79 -15.68 4.56
N PRO B 247 -0.53 -15.30 4.74
CA PRO B 247 -0.18 -13.91 4.38
C PRO B 247 -0.51 -13.51 2.93
N GLU B 248 -0.46 -14.43 1.96
CA GLU B 248 -0.76 -14.02 0.60
C GLU B 248 -2.20 -13.95 0.32
N GLY B 249 -2.99 -14.10 1.37
CA GLY B 249 -4.41 -14.01 1.21
C GLY B 249 -4.77 -12.54 1.05
N SER B 250 -6.05 -12.31 0.76
CA SER B 250 -6.50 -10.98 0.58
C SER B 250 -8.01 -10.83 0.82
N VAL B 251 -8.45 -9.59 1.13
CA VAL B 251 -9.87 -9.28 1.33
C VAL B 251 -10.28 -8.03 0.50
N ASN B 252 -11.56 -7.95 0.12
CA ASN B 252 -12.04 -6.80 -0.64
C ASN B 252 -12.55 -5.68 0.29
N ASP B 253 -13.31 -4.75 -0.25
CA ASP B 253 -13.72 -3.57 0.46
C ASP B 253 -15.19 -3.51 0.81
N ARG B 254 -15.85 -4.66 0.92
CA ARG B 254 -17.25 -4.61 1.19
C ARG B 254 -17.62 -5.07 2.59
N TRP B 255 -16.76 -4.75 3.55
CA TRP B 255 -16.94 -5.11 4.95
C TRP B 255 -17.37 -3.90 5.77
N GLY B 256 -17.10 -2.70 5.25
CA GLY B 256 -17.50 -1.52 5.96
C GLY B 256 -16.66 -1.27 7.18
N VAL B 257 -15.42 -1.74 7.17
CA VAL B 257 -14.49 -1.49 8.31
C VAL B 257 -13.22 -0.80 7.75
N PRO B 258 -12.31 -0.36 8.62
CA PRO B 258 -11.09 0.32 8.16
C PRO B 258 -10.23 -0.38 7.16
N HIS B 259 -10.07 -1.68 7.30
CA HIS B 259 -9.21 -2.45 6.41
C HIS B 259 -9.82 -3.07 5.15
N TRP B 260 -8.97 -3.16 4.13
CA TRP B 260 -9.34 -3.77 2.85
C TRP B 260 -8.05 -3.82 2.05
N ASP B 261 -7.92 -4.81 1.15
CA ASP B 261 -6.69 -4.92 0.37
C ASP B 261 -6.76 -4.33 -1.00
N PHE B 262 -7.96 -4.37 -1.60
CA PHE B 262 -8.24 -3.80 -2.93
C PHE B 262 -9.73 -3.46 -2.90
N LYS B 263 -10.08 -2.39 -3.60
CA LYS B 263 -11.45 -1.92 -3.70
C LYS B 263 -12.20 -2.54 -4.88
N THR B 264 -13.50 -2.32 -4.93
CA THR B 264 -14.35 -2.86 -6.00
C THR B 264 -15.32 -1.89 -6.66
N ALA B 265 -15.72 -2.27 -7.85
CA ALA B 265 -16.66 -1.51 -8.64
C ALA B 265 -17.50 -2.55 -9.41
N GLU B 266 -18.79 -2.25 -9.53
CA GLU B 266 -19.80 -3.10 -10.17
C GLU B 266 -20.59 -2.34 -11.25
N TYR B 267 -20.49 -2.84 -12.48
CA TYR B 267 -21.08 -2.17 -13.63
C TYR B 267 -20.62 -0.70 -13.50
N HIS B 268 -21.53 0.26 -13.60
CA HIS B 268 -21.15 1.66 -13.51
C HIS B 268 -20.78 2.15 -12.10
N VAL B 269 -21.31 1.51 -11.07
CA VAL B 269 -21.08 1.92 -9.69
C VAL B 269 -19.61 1.84 -9.26
N ASN B 270 -19.09 3.02 -8.94
CA ASN B 270 -17.70 3.26 -8.56
C ASN B 270 -16.66 3.04 -9.61
N TYR B 271 -17.03 3.11 -10.89
CA TYR B 271 -16.04 2.92 -11.91
C TYR B 271 -15.06 4.13 -12.05
N PRO B 272 -13.77 3.86 -12.01
CA PRO B 272 -12.94 5.06 -12.16
C PRO B 272 -12.76 5.59 -13.61
N GLY B 273 -12.82 6.91 -13.78
CA GLY B 273 -12.59 7.49 -15.09
C GLY B 273 -11.09 7.61 -15.42
N ASP B 274 -10.23 7.57 -14.40
CA ASP B 274 -8.77 7.70 -14.57
C ASP B 274 -8.06 6.93 -13.45
N LEU B 275 -6.73 6.99 -13.40
CA LEU B 275 -5.99 6.31 -12.34
C LEU B 275 -6.58 6.63 -10.95
N PRO B 276 -7.04 5.61 -10.21
CA PRO B 276 -7.62 5.87 -8.88
C PRO B 276 -6.58 6.04 -7.77
N GLY B 277 -5.47 5.33 -7.87
CA GLY B 277 -4.46 5.45 -6.83
C GLY B 277 -4.39 4.39 -5.74
N TYR B 278 -5.11 3.28 -5.90
CA TYR B 278 -5.09 2.13 -4.95
C TYR B 278 -5.46 1.00 -5.85
N LYS B 279 -5.19 -0.22 -5.42
CA LYS B 279 -5.57 -1.39 -6.18
C LYS B 279 -7.08 -1.58 -6.07
N TRP B 280 -7.71 -1.95 -7.19
CA TRP B 280 -9.14 -2.18 -7.22
C TRP B 280 -9.42 -3.29 -8.25
N GLU B 281 -10.69 -3.67 -8.32
CA GLU B 281 -11.12 -4.72 -9.18
C GLU B 281 -12.51 -4.44 -9.74
N PHE B 282 -12.68 -4.66 -11.04
CA PHE B 282 -13.95 -4.45 -11.71
C PHE B 282 -14.72 -5.77 -11.89
N THR B 283 -16.01 -5.72 -11.58
CA THR B 283 -16.77 -6.91 -11.75
C THR B 283 -18.04 -6.52 -12.43
N ARG B 284 -18.51 -7.47 -13.24
CA ARG B 284 -19.76 -7.43 -14.04
C ARG B 284 -20.02 -8.80 -14.68
N GLY B 285 -21.24 -8.97 -15.14
CA GLY B 285 -21.62 -10.22 -15.79
C GLY B 285 -21.28 -10.13 -17.27
N ILE B 286 -21.28 -11.29 -17.90
CA ILE B 286 -21.06 -11.36 -19.34
C ILE B 286 -22.27 -10.60 -19.90
N GLY B 287 -23.40 -10.73 -19.21
CA GLY B 287 -24.61 -9.99 -19.54
C GLY B 287 -24.91 -8.88 -18.45
N LEU B 288 -26.16 -8.83 -18.03
CA LEU B 288 -26.67 -7.90 -17.03
C LEU B 288 -26.95 -8.57 -15.68
N SER B 289 -26.84 -9.89 -15.65
CA SER B 289 -27.08 -10.65 -14.44
C SER B 289 -25.79 -11.32 -14.00
N PHE B 290 -25.74 -11.79 -12.76
CA PHE B 290 -24.57 -12.57 -12.33
C PHE B 290 -25.04 -13.99 -12.47
N GLY B 291 -26.10 -14.34 -11.75
CA GLY B 291 -26.64 -15.67 -11.92
C GLY B 291 -27.14 -15.85 -13.36
N TYR B 292 -27.14 -17.10 -13.81
CA TYR B 292 -27.66 -17.39 -15.14
C TYR B 292 -29.09 -16.84 -15.41
N ASN B 293 -29.31 -16.34 -16.62
CA ASN B 293 -30.61 -15.80 -17.04
C ASN B 293 -30.89 -16.34 -18.46
N ARG B 294 -31.75 -17.34 -18.54
CA ARG B 294 -32.14 -17.96 -19.79
C ARG B 294 -32.83 -16.90 -20.70
N ASN B 295 -33.16 -15.72 -20.16
CA ASN B 295 -33.78 -14.69 -20.97
C ASN B 295 -32.80 -13.88 -21.73
N GLU B 296 -31.59 -13.82 -21.24
CA GLU B 296 -30.66 -13.00 -21.94
C GLU B 296 -30.25 -13.54 -23.27
N GLY B 297 -30.35 -12.71 -24.30
CA GLY B 297 -29.86 -13.12 -25.61
C GLY B 297 -28.52 -12.39 -25.82
N PRO B 298 -27.83 -12.59 -26.95
CA PRO B 298 -26.55 -11.88 -27.16
C PRO B 298 -26.66 -10.37 -27.12
N GLU B 299 -27.87 -9.86 -27.36
CA GLU B 299 -28.20 -8.43 -27.34
C GLU B 299 -27.80 -7.83 -26.03
N HIS B 300 -27.85 -8.65 -24.99
CA HIS B 300 -27.56 -8.22 -23.64
C HIS B 300 -26.16 -8.46 -23.19
N MET B 301 -25.45 -9.29 -23.92
CA MET B 301 -24.09 -9.58 -23.52
C MET B 301 -23.09 -8.77 -24.23
N LEU B 302 -21.90 -8.70 -23.63
CA LEU B 302 -20.80 -7.99 -24.22
C LEU B 302 -20.31 -8.90 -25.33
N SER B 303 -19.59 -8.31 -26.28
CA SER B 303 -19.02 -9.05 -27.39
C SER B 303 -17.56 -9.24 -27.05
N VAL B 304 -16.98 -10.35 -27.46
CA VAL B 304 -15.55 -10.56 -27.23
C VAL B 304 -14.73 -9.25 -27.30
N GLU B 305 -14.91 -8.47 -28.35
CA GLU B 305 -14.19 -7.20 -28.49
C GLU B 305 -14.43 -6.23 -27.29
N GLN B 306 -15.70 -6.07 -26.90
CA GLN B 306 -16.09 -5.22 -25.79
C GLN B 306 -15.41 -5.72 -24.51
N LEU B 307 -15.33 -7.05 -24.39
CA LEU B 307 -14.70 -7.66 -23.26
C LEU B 307 -13.22 -7.34 -23.26
N VAL B 308 -12.59 -7.48 -24.41
CA VAL B 308 -11.18 -7.17 -24.49
C VAL B 308 -10.96 -5.70 -24.15
N TYR B 309 -11.83 -4.84 -24.67
CA TYR B 309 -11.73 -3.40 -24.38
C TYR B 309 -12.01 -3.16 -22.90
N THR B 310 -12.96 -3.91 -22.35
CA THR B 310 -13.26 -3.74 -20.96
C THR B 310 -12.02 -4.09 -20.17
N LEU B 311 -11.42 -5.23 -20.47
CA LEU B 311 -10.22 -5.64 -19.73
C LEU B 311 -9.07 -4.63 -19.84
N VAL B 312 -8.82 -4.08 -21.02
CA VAL B 312 -7.73 -3.12 -21.17
C VAL B 312 -7.99 -1.83 -20.40
N ASP B 313 -9.20 -1.33 -20.50
CA ASP B 313 -9.49 -0.10 -19.78
C ASP B 313 -9.28 -0.38 -18.29
N VAL B 314 -9.80 -1.48 -17.79
CA VAL B 314 -9.58 -1.81 -16.40
C VAL B 314 -8.09 -1.89 -16.08
N VAL B 315 -7.34 -2.74 -16.80
CA VAL B 315 -5.93 -2.90 -16.49
C VAL B 315 -5.08 -1.65 -16.53
N SER B 316 -5.33 -0.77 -17.49
CA SER B 316 -4.56 0.46 -17.62
C SER B 316 -4.70 1.33 -16.38
N LYS B 317 -5.87 1.23 -15.74
CA LYS B 317 -6.17 1.99 -14.50
C LYS B 317 -5.80 1.27 -13.18
N GLY B 318 -4.89 0.31 -13.25
CA GLY B 318 -4.48 -0.42 -12.07
C GLY B 318 -5.44 -1.49 -11.54
N GLY B 319 -6.46 -1.84 -12.32
CA GLY B 319 -7.37 -2.87 -11.86
C GLY B 319 -7.25 -4.30 -12.41
N ASN B 320 -8.04 -5.16 -11.77
CA ASN B 320 -8.19 -6.56 -12.14
C ASN B 320 -9.65 -6.65 -12.62
N LEU B 321 -9.89 -7.43 -13.66
CA LEU B 321 -11.26 -7.64 -14.13
C LEU B 321 -11.70 -8.99 -13.51
N LEU B 322 -12.82 -8.95 -12.81
CA LEU B 322 -13.38 -10.16 -12.24
C LEU B 322 -14.67 -10.40 -13.06
N LEU B 323 -14.52 -11.13 -14.15
CA LEU B 323 -15.64 -11.40 -15.02
C LEU B 323 -16.44 -12.56 -14.50
N ASN B 324 -17.75 -12.36 -14.39
CA ASN B 324 -18.64 -13.38 -13.87
C ASN B 324 -19.21 -14.30 -14.92
N VAL B 325 -19.29 -15.57 -14.54
CA VAL B 325 -19.82 -16.63 -15.34
C VAL B 325 -21.05 -17.07 -14.54
N GLY B 326 -22.17 -17.24 -15.23
CA GLY B 326 -23.43 -17.63 -14.60
C GLY B 326 -23.91 -19.01 -15.06
N PRO B 327 -23.45 -20.07 -14.37
CA PRO B 327 -23.77 -21.48 -14.62
C PRO B 327 -25.25 -21.87 -14.44
N LYS B 328 -25.63 -22.93 -15.15
CA LYS B 328 -26.97 -23.51 -15.08
C LYS B 328 -27.08 -24.44 -13.86
N GLY B 329 -28.30 -24.65 -13.39
CA GLY B 329 -28.56 -25.53 -12.28
C GLY B 329 -27.90 -26.88 -12.51
N ASP B 330 -27.79 -27.32 -13.76
CA ASP B 330 -27.12 -28.61 -13.99
C ASP B 330 -25.59 -28.54 -14.09
N GLY B 331 -25.04 -27.41 -13.67
CA GLY B 331 -23.60 -27.26 -13.69
C GLY B 331 -22.91 -26.93 -15.00
N THR B 332 -23.63 -26.89 -16.12
CA THR B 332 -23.01 -26.55 -17.41
C THR B 332 -22.95 -25.03 -17.58
N ILE B 333 -22.01 -24.61 -18.43
CA ILE B 333 -21.84 -23.20 -18.69
C ILE B 333 -22.46 -22.87 -20.02
N PRO B 334 -23.50 -22.03 -20.03
CA PRO B 334 -24.18 -21.66 -21.29
C PRO B 334 -23.27 -21.26 -22.44
N ASP B 335 -23.53 -21.86 -23.59
CA ASP B 335 -22.74 -21.63 -24.80
C ASP B 335 -22.33 -20.18 -25.10
N LEU B 336 -23.28 -19.26 -25.00
CA LEU B 336 -22.96 -17.85 -25.20
C LEU B 336 -21.83 -17.34 -24.31
N GLN B 337 -21.79 -17.81 -23.06
CA GLN B 337 -20.77 -17.38 -22.13
C GLN B 337 -19.44 -18.11 -22.42
N LYS B 338 -19.55 -19.38 -22.74
CA LYS B 338 -18.36 -20.18 -23.04
C LYS B 338 -17.60 -19.57 -24.23
N GLU B 339 -18.33 -19.26 -25.31
CA GLU B 339 -17.68 -18.69 -26.49
C GLU B 339 -16.99 -17.35 -26.25
N ARG B 340 -17.63 -16.46 -25.50
CA ARG B 340 -17.00 -15.19 -25.17
C ARG B 340 -15.76 -15.43 -24.30
N LEU B 341 -15.87 -16.32 -23.33
CA LEU B 341 -14.71 -16.63 -22.49
C LEU B 341 -13.54 -17.03 -23.34
N LEU B 342 -13.77 -17.95 -24.27
CA LEU B 342 -12.72 -18.41 -25.22
C LEU B 342 -12.23 -17.24 -26.12
N GLY B 343 -13.16 -16.47 -26.69
CA GLY B 343 -12.75 -15.30 -27.46
C GLY B 343 -11.66 -14.57 -26.67
N LEU B 344 -12.00 -14.13 -25.46
CA LEU B 344 -11.09 -13.46 -24.54
C LEU B 344 -9.82 -14.27 -24.31
N GLY B 345 -9.97 -15.57 -24.08
CA GLY B 345 -8.81 -16.41 -23.89
C GLY B 345 -7.85 -16.31 -25.08
N GLU B 346 -8.38 -16.32 -26.32
CA GLU B 346 -7.59 -16.20 -27.57
C GLU B 346 -6.81 -14.87 -27.65
N TRP B 347 -7.53 -13.77 -27.36
CA TRP B 347 -6.90 -12.46 -27.35
C TRP B 347 -5.75 -12.41 -26.33
N LEU B 348 -6.00 -12.93 -25.14
CA LEU B 348 -4.99 -12.93 -24.08
C LEU B 348 -3.77 -13.78 -24.42
N ARG B 349 -3.98 -14.79 -25.25
CA ARG B 349 -2.89 -15.64 -25.64
C ARG B 349 -1.89 -14.86 -26.54
N LYS B 350 -2.40 -13.89 -27.28
CA LYS B 350 -1.54 -13.11 -28.14
C LYS B 350 -0.96 -11.91 -27.41
N TYR B 351 -1.84 -11.14 -26.75
CA TYR B 351 -1.43 -9.92 -26.10
C TYR B 351 -1.18 -9.95 -24.56
N GLY B 352 -1.33 -11.12 -23.96
CA GLY B 352 -1.08 -11.22 -22.53
C GLY B 352 0.15 -10.54 -21.94
N ASP B 353 1.23 -10.46 -22.71
CA ASP B 353 2.45 -9.89 -22.19
C ASP B 353 2.35 -8.38 -21.95
N ALA B 354 1.31 -7.73 -22.48
CA ALA B 354 1.09 -6.28 -22.25
C ALA B 354 -0.07 -6.08 -21.19
N ILE B 355 -0.38 -7.14 -20.44
CA ILE B 355 -1.43 -7.15 -19.43
C ILE B 355 -0.98 -7.71 -18.07
N TYR B 356 -0.68 -9.02 -18.03
CA TYR B 356 -0.22 -9.70 -16.81
C TYR B 356 1.09 -9.03 -16.34
N GLY B 357 1.35 -9.04 -15.05
CA GLY B 357 2.56 -8.44 -14.56
C GLY B 357 2.76 -6.96 -14.88
N THR B 358 1.80 -6.30 -15.52
CA THR B 358 2.06 -4.89 -15.79
C THR B 358 1.66 -3.96 -14.63
N SER B 359 2.07 -2.72 -14.78
CA SER B 359 1.81 -1.65 -13.83
C SER B 359 1.26 -0.50 -14.60
N VAL B 360 0.66 0.45 -13.89
CA VAL B 360 0.11 1.60 -14.53
C VAL B 360 1.26 2.52 -14.98
N TRP B 361 0.95 3.34 -15.96
CA TRP B 361 1.92 4.26 -16.51
C TRP B 361 1.57 5.68 -15.99
N GLU B 362 2.24 6.71 -16.50
CA GLU B 362 1.98 8.10 -16.07
C GLU B 362 0.51 8.44 -16.34
N ARG B 363 0.00 7.87 -17.41
CA ARG B 363 -1.38 8.07 -17.80
C ARG B 363 -1.97 6.78 -18.31
N CYS B 364 -3.30 6.69 -18.30
CA CYS B 364 -3.99 5.50 -18.70
C CYS B 364 -4.58 5.64 -20.05
N CYS B 365 -4.74 6.88 -20.45
CA CYS B 365 -5.53 7.10 -21.64
C CYS B 365 -5.08 8.13 -22.70
N ALA B 366 -5.57 7.92 -23.91
CA ALA B 366 -5.25 8.78 -25.03
C ALA B 366 -6.17 8.49 -26.14
N LYS B 367 -6.10 9.26 -27.20
CA LYS B 367 -6.91 8.97 -28.37
C LYS B 367 -6.27 9.49 -29.66
N THR B 368 -6.78 9.04 -30.79
CA THR B 368 -6.21 9.50 -32.05
C THR B 368 -7.05 10.64 -32.59
N GLU B 369 -6.46 11.35 -33.55
CA GLU B 369 -7.09 12.46 -34.26
C GLU B 369 -8.45 11.95 -34.76
N ASP B 370 -8.47 10.68 -35.18
CA ASP B 370 -9.70 10.09 -35.69
C ASP B 370 -10.71 9.61 -34.62
N GLY B 371 -10.34 9.64 -33.34
CA GLY B 371 -11.26 9.20 -32.29
C GLY B 371 -11.18 7.75 -31.79
N THR B 372 -10.02 7.10 -31.96
CA THR B 372 -9.86 5.73 -31.47
C THR B 372 -9.26 5.85 -30.08
N GLU B 373 -9.89 5.18 -29.11
CA GLU B 373 -9.39 5.21 -27.77
C GLU B 373 -8.15 4.35 -27.61
N ILE B 374 -7.21 4.88 -26.83
CA ILE B 374 -5.93 4.25 -26.54
C ILE B 374 -5.71 4.13 -25.02
N ARG B 375 -5.19 2.99 -24.58
CA ARG B 375 -4.94 2.75 -23.18
C ARG B 375 -3.50 2.37 -23.03
N PHE B 376 -2.86 2.72 -21.91
CA PHE B 376 -1.43 2.41 -21.66
C PHE B 376 -1.15 1.46 -20.49
N THR B 377 -0.05 0.71 -20.53
CA THR B 377 0.37 -0.20 -19.47
C THR B 377 1.88 -0.28 -19.45
N ARG B 378 2.48 -0.59 -18.33
CA ARG B 378 3.93 -0.60 -18.27
C ARG B 378 4.53 -1.90 -17.75
N LYS B 379 5.79 -2.16 -18.10
CA LYS B 379 6.56 -3.32 -17.67
C LYS B 379 7.97 -2.80 -17.76
N CYS B 380 8.44 -2.35 -16.62
CA CYS B 380 9.74 -1.74 -16.48
C CYS B 380 9.92 -0.62 -17.47
N ASN B 381 10.74 -0.84 -18.50
CA ASN B 381 11.05 0.19 -19.50
C ASN B 381 10.17 0.09 -20.73
N ARG B 382 9.35 -0.93 -20.76
CA ARG B 382 8.47 -1.11 -21.88
C ARG B 382 7.15 -0.41 -21.61
N ILE B 383 6.58 0.13 -22.67
CA ILE B 383 5.30 0.77 -22.58
C ILE B 383 4.36 0.23 -23.64
N PHE B 384 3.30 -0.44 -23.19
CA PHE B 384 2.39 -0.99 -24.14
C PHE B 384 1.40 0.06 -24.47
N VAL B 385 1.10 0.19 -25.76
CA VAL B 385 0.15 1.17 -26.28
C VAL B 385 -0.90 0.28 -26.92
N ILE B 386 -2.07 0.27 -26.30
CA ILE B 386 -3.17 -0.60 -26.73
C ILE B 386 -4.32 0.21 -27.24
N PHE B 387 -4.61 0.01 -28.53
CA PHE B 387 -5.70 0.72 -29.21
C PHE B 387 -6.98 -0.07 -29.09
N LEU B 388 -8.10 0.58 -28.84
CA LEU B 388 -9.34 -0.18 -28.74
C LEU B 388 -9.94 -0.28 -30.14
N GLY B 389 -9.28 -1.05 -30.98
CA GLY B 389 -9.70 -1.24 -32.34
C GLY B 389 -8.44 -1.31 -33.20
N ILE B 390 -8.61 -1.51 -34.50
CA ILE B 390 -7.43 -1.51 -35.36
C ILE B 390 -7.66 -0.41 -36.37
N PRO B 391 -6.83 0.65 -36.30
CA PRO B 391 -6.99 1.77 -37.23
C PRO B 391 -6.84 1.37 -38.71
N THR B 392 -7.60 2.08 -39.55
CA THR B 392 -7.67 1.86 -40.99
C THR B 392 -6.41 2.23 -41.77
N GLY B 393 -5.92 3.45 -41.56
CA GLY B 393 -4.73 3.93 -42.28
C GLY B 393 -3.42 3.64 -41.59
N GLU B 394 -2.34 3.69 -42.36
CA GLU B 394 -1.01 3.42 -41.82
C GLU B 394 -0.50 4.65 -41.07
N LYS B 395 -1.20 5.76 -41.22
CA LYS B 395 -0.76 6.96 -40.53
C LYS B 395 -1.65 7.12 -39.31
N ILE B 396 -1.02 7.07 -38.14
CA ILE B 396 -1.77 7.20 -36.92
C ILE B 396 -1.34 8.44 -36.21
N VAL B 397 -2.34 9.20 -35.78
CA VAL B 397 -2.11 10.42 -35.05
C VAL B 397 -2.66 10.37 -33.63
N ILE B 398 -1.77 10.30 -32.64
CA ILE B 398 -2.22 10.26 -31.25
C ILE B 398 -2.19 11.68 -30.76
N GLU B 399 -3.30 12.16 -30.21
CA GLU B 399 -3.42 13.54 -29.68
C GLU B 399 -2.86 13.72 -28.29
N ASP B 400 -2.18 14.83 -28.08
CA ASP B 400 -1.64 15.17 -26.78
C ASP B 400 -0.69 14.15 -26.22
N LEU B 401 0.27 13.72 -27.03
CA LEU B 401 1.22 12.75 -26.57
C LEU B 401 2.56 12.88 -27.25
N ASN B 402 3.62 12.85 -26.45
CA ASN B 402 5.00 12.90 -26.97
C ASN B 402 5.74 11.73 -26.32
N LEU B 403 6.84 11.27 -26.91
CA LEU B 403 7.61 10.16 -26.34
C LEU B 403 9.07 10.47 -26.49
N SER B 404 9.84 10.04 -25.51
CA SER B 404 11.28 10.27 -25.50
C SER B 404 12.05 8.98 -25.76
N ALA B 405 11.30 7.88 -25.83
CA ALA B 405 11.82 6.53 -26.00
C ALA B 405 12.79 6.31 -27.17
N GLY B 406 12.45 6.86 -28.33
CA GLY B 406 13.36 6.65 -29.44
C GLY B 406 13.08 5.39 -30.25
N THR B 407 12.60 4.34 -29.59
CA THR B 407 12.26 3.15 -30.36
C THR B 407 10.83 2.68 -30.05
N VAL B 408 10.03 2.47 -31.09
CA VAL B 408 8.65 2.03 -30.94
C VAL B 408 8.39 0.86 -31.87
N ARG B 409 8.19 -0.34 -31.33
CA ARG B 409 7.97 -1.55 -32.14
C ARG B 409 6.52 -1.92 -32.28
N HIS B 410 6.19 -2.66 -33.34
CA HIS B 410 4.83 -3.13 -33.48
C HIS B 410 4.88 -4.40 -32.66
N PHE B 411 4.10 -4.44 -31.56
CA PHE B 411 4.05 -5.53 -30.58
C PHE B 411 4.12 -6.98 -31.05
N LEU B 412 3.09 -7.47 -31.76
CA LEU B 412 3.08 -8.87 -32.24
C LEU B 412 4.30 -9.31 -33.07
N THR B 413 4.73 -8.47 -34.03
CA THR B 413 5.87 -8.77 -34.92
C THR B 413 7.26 -8.36 -34.41
N GLY B 414 7.31 -7.35 -33.57
CA GLY B 414 8.59 -6.91 -33.07
C GLY B 414 9.18 -5.84 -33.94
N GLU B 415 8.53 -5.59 -35.08
CA GLU B 415 8.98 -4.59 -36.07
C GLU B 415 9.12 -3.10 -35.70
N ARG B 416 10.38 -2.64 -35.62
CA ARG B 416 10.71 -1.22 -35.33
C ARG B 416 9.86 -0.37 -36.29
N LEU B 417 9.28 0.70 -35.80
CA LEU B 417 8.47 1.55 -36.65
C LEU B 417 8.98 2.98 -36.59
N SER B 418 8.49 3.75 -37.56
CA SER B 418 8.82 5.16 -37.71
C SER B 418 7.81 6.03 -36.99
N PHE B 419 8.34 6.91 -36.15
CA PHE B 419 7.51 7.86 -35.42
C PHE B 419 8.28 9.14 -35.13
N LYS B 420 7.54 10.18 -34.78
CA LYS B 420 8.11 11.46 -34.42
C LYS B 420 7.02 12.27 -33.70
N ASN B 421 7.46 13.13 -32.79
CA ASN B 421 6.58 13.97 -32.01
C ASN B 421 6.33 15.26 -32.81
N VAL B 422 5.19 15.32 -33.47
CA VAL B 422 4.83 16.50 -34.24
C VAL B 422 4.04 17.46 -33.36
N GLY B 423 4.73 18.42 -32.76
CA GLY B 423 4.03 19.36 -31.92
C GLY B 423 3.63 18.77 -30.58
N LYS B 424 2.32 18.80 -30.31
CA LYS B 424 1.75 18.28 -29.05
C LYS B 424 1.23 16.85 -29.26
N ASN B 425 1.31 16.36 -30.50
CA ASN B 425 0.88 15.03 -30.87
C ASN B 425 2.05 14.11 -31.16
N LEU B 426 1.72 12.86 -31.45
CA LEU B 426 2.71 11.82 -31.76
C LEU B 426 2.24 11.10 -33.00
N GLU B 427 3.11 10.98 -33.98
CA GLU B 427 2.76 10.29 -35.22
C GLU B 427 3.58 9.06 -35.44
N ILE B 428 2.89 8.00 -35.82
CA ILE B 428 3.53 6.73 -36.10
C ILE B 428 2.91 6.20 -37.36
N THR B 429 3.71 5.49 -38.12
CA THR B 429 3.23 4.90 -39.35
C THR B 429 3.26 3.39 -39.10
N VAL B 430 2.07 2.81 -39.16
CA VAL B 430 1.93 1.39 -38.91
C VAL B 430 1.62 0.68 -40.22
N PRO B 431 2.66 0.10 -40.85
CA PRO B 431 2.60 -0.63 -42.12
C PRO B 431 1.42 -1.61 -42.09
N LYS B 432 0.49 -1.43 -43.04
CA LYS B 432 -0.69 -2.25 -43.09
C LYS B 432 -0.41 -3.76 -43.01
N LYS B 433 0.80 -4.19 -43.38
CA LYS B 433 1.07 -5.62 -43.28
C LYS B 433 0.85 -5.92 -41.81
N LEU B 434 1.46 -5.10 -40.95
CA LEU B 434 1.36 -5.27 -39.51
C LEU B 434 -0.05 -5.06 -38.99
N LEU B 435 -0.63 -3.91 -39.30
CA LEU B 435 -1.98 -3.68 -38.84
C LEU B 435 -2.82 -4.91 -39.15
N GLU B 436 -2.80 -5.38 -40.39
CA GLU B 436 -3.64 -6.52 -40.74
C GLU B 436 -3.32 -7.73 -39.89
N THR B 437 -2.16 -7.73 -39.27
CA THR B 437 -1.77 -8.86 -38.44
C THR B 437 -2.43 -8.95 -37.04
N ASP B 438 -2.72 -7.80 -36.43
CA ASP B 438 -3.35 -7.74 -35.12
C ASP B 438 -4.76 -8.30 -35.17
N SER B 439 -5.35 -8.52 -33.97
CA SER B 439 -6.69 -9.11 -33.83
C SER B 439 -7.78 -8.14 -33.40
N ILE B 440 -7.85 -7.78 -32.14
CA ILE B 440 -8.95 -6.86 -31.82
C ILE B 440 -8.34 -5.53 -31.50
N THR B 441 -7.04 -5.55 -31.24
CA THR B 441 -6.37 -4.34 -30.85
C THR B 441 -5.02 -4.14 -31.52
N LEU B 442 -4.78 -2.91 -31.93
CA LEU B 442 -3.50 -2.58 -32.47
C LEU B 442 -2.70 -2.42 -31.17
N VAL B 443 -1.54 -3.03 -31.06
CA VAL B 443 -0.77 -2.86 -29.87
C VAL B 443 0.65 -2.53 -30.29
N LEU B 444 1.23 -1.48 -29.68
CA LEU B 444 2.57 -1.07 -29.98
C LEU B 444 3.32 -1.09 -28.68
N GLU B 445 4.62 -1.31 -28.77
CA GLU B 445 5.50 -1.36 -27.62
C GLU B 445 6.51 -0.22 -27.84
N ALA B 446 6.62 0.65 -26.83
CA ALA B 446 7.55 1.79 -26.87
C ALA B 446 8.58 1.47 -25.80
N VAL B 447 9.86 1.64 -26.12
CA VAL B 447 10.92 1.28 -25.17
C VAL B 447 11.86 2.42 -24.83
CAT ZX5 C . 11.25 5.86 23.79
CAI ZX5 C . 12.13 6.92 23.64
CAG ZX5 C . 12.43 7.73 24.73
CAF ZX5 C . 11.85 7.49 25.96
CAH ZX5 C . 10.97 6.42 26.12
CAS ZX5 C . 10.67 5.61 25.02
NAP ZX5 C . 9.86 4.56 24.87
CAJ ZX5 C . 9.91 4.14 23.62
CAR ZX5 C . 10.74 4.91 22.91
CAL ZX5 C . 11.03 4.79 21.42
CAK ZX5 C . 9.87 5.38 20.60
CAQ ZX5 C . 9.57 6.82 21.00
OAB ZX5 C . 8.44 7.14 21.36
NAN ZX5 C . 10.59 7.68 20.92
CAM ZX5 C . 10.43 9.10 21.27
CAV ZX5 C . 11.73 9.86 20.98
NAO ZX5 C . 11.85 10.14 19.54
CAU ZX5 C . 13.16 10.71 19.24
CAA ZX5 C . 13.28 10.93 17.73
CAW ZX5 C . 13.39 12.03 20.00
OAC ZX5 C . 12.51 13.03 19.50
CAY ZX5 C . 13.15 11.85 21.49
OAE ZX5 C . 13.19 13.12 22.13
CAX ZX5 C . 11.79 11.19 21.73
OAD ZX5 C . 11.58 10.98 23.12
CAT ZX5 D . -26.03 -2.64 -5.46
CAI ZX5 D . -25.88 -3.84 -6.14
CAG ZX5 D . -26.97 -4.69 -6.32
CAF ZX5 D . -28.22 -4.33 -5.83
CAH ZX5 D . -28.38 -3.12 -5.16
CAS ZX5 D . -27.29 -2.28 -4.98
NAP ZX5 D . -27.15 -1.12 -4.36
CAJ ZX5 D . -25.88 -0.72 -4.41
CAR ZX5 D . -25.16 -1.64 -5.05
CAL ZX5 D . -23.64 -1.58 -5.16
CAK ZX5 D . -22.95 -2.95 -5.30
CAQ ZX5 D . -23.47 -4.05 -4.37
OAB ZX5 D . -23.51 -3.93 -3.15
NAN ZX5 D . -23.80 -5.16 -5.04
CAM ZX5 D . -24.32 -6.40 -4.44
CAV ZX5 D . -24.40 -7.38 -5.61
NAO ZX5 D . -23.05 -7.89 -5.90
CAU ZX5 D . -23.07 -8.68 -7.14
CAA ZX5 D . -21.65 -9.16 -7.46
CAW ZX5 D . -24.03 -9.88 -7.03
OAC ZX5 D . -23.58 -10.86 -6.10
CAY ZX5 D . -25.42 -9.42 -6.60
OAE ZX5 D . -26.20 -10.59 -6.38
CAX ZX5 D . -25.35 -8.55 -5.35
OAD ZX5 D . -26.66 -8.04 -5.00
#